data_1G5C
#
_entry.id   1G5C
#
_cell.length_a   54.670
_cell.length_b   113.210
_cell.length_c   156.180
_cell.angle_alpha   90.00
_cell.angle_beta   90.00
_cell.angle_gamma   90.00
#
_symmetry.space_group_name_H-M   'P 21 21 21'
#
loop_
_entity.id
_entity.type
_entity.pdbx_description
1 polymer 'BETA-CARBONIC ANHYDRASE'
2 non-polymer 'ZINC ION'
3 non-polymer 'CALCIUM ION'
4 non-polymer '4-(2-HYDROXYETHYL)-1-PIPERAZINE ETHANESULFONIC ACID'
5 water water
#
_entity_poly.entity_id   1
_entity_poly.type   'polypeptide(L)'
_entity_poly.pdbx_seq_one_letter_code
;MIIKDILRENQDFRFRDLSDLKHSPKLCIITCMDSRLIDLLERALGIGRGDAKVIKNAGNIVDDGVIRSAAVAIYALGDN
EIIIVGHTDCGMARLDEDLIVSRMRELGVEEEVIENFSIDVLNPVGDEEENVIEGVKRLKSSPLIPESIGVHGLIIDINT
GRLKPLYLDE
;
_entity_poly.pdbx_strand_id   A,B,C,D,E,F
#
loop_
_chem_comp.id
_chem_comp.type
_chem_comp.name
_chem_comp.formula
CA non-polymer 'CALCIUM ION' 'Ca 2'
EPE non-polymer '4-(2-HYDROXYETHYL)-1-PIPERAZINE ETHANESULFONIC ACID' 'C8 H18 N2 O4 S'
ZN non-polymer 'ZINC ION' 'Zn 2'
#
# COMPACT_ATOMS: atom_id res chain seq x y z
N ILE A 2 -12.01 -42.12 -14.91
CA ILE A 2 -11.56 -41.04 -14.00
C ILE A 2 -12.44 -39.79 -14.09
N ILE A 3 -13.10 -39.60 -15.23
CA ILE A 3 -13.96 -38.44 -15.40
C ILE A 3 -15.09 -38.43 -14.36
N LYS A 4 -15.59 -39.61 -14.00
CA LYS A 4 -16.66 -39.70 -13.03
C LYS A 4 -16.22 -39.19 -11.65
N ASP A 5 -14.95 -39.42 -11.33
CA ASP A 5 -14.43 -38.98 -10.06
C ASP A 5 -14.13 -37.49 -10.07
N ILE A 6 -13.82 -36.96 -11.24
CA ILE A 6 -13.54 -35.55 -11.36
C ILE A 6 -14.85 -34.77 -11.22
N LEU A 7 -15.92 -35.30 -11.80
CA LEU A 7 -17.22 -34.65 -11.75
C LEU A 7 -17.82 -34.65 -10.34
N ARG A 8 -17.68 -35.77 -9.63
CA ARG A 8 -18.20 -35.88 -8.27
C ARG A 8 -17.50 -34.89 -7.35
N GLU A 9 -16.19 -34.76 -7.49
CA GLU A 9 -15.43 -33.83 -6.67
C GLU A 9 -15.74 -32.39 -7.05
N ASN A 10 -15.98 -32.16 -8.34
CA ASN A 10 -16.29 -30.81 -8.79
C ASN A 10 -17.63 -30.30 -8.23
N GLN A 11 -18.58 -31.20 -8.02
CA GLN A 11 -19.89 -30.78 -7.51
C GLN A 11 -19.75 -30.09 -6.16
N ASP A 12 -18.61 -30.27 -5.51
CA ASP A 12 -18.38 -29.63 -4.23
C ASP A 12 -17.38 -28.48 -4.33
N PHE A 13 -16.78 -28.32 -5.50
CA PHE A 13 -15.81 -27.24 -5.68
C PHE A 13 -16.51 -25.89 -5.73
N ARG A 14 -15.92 -24.91 -5.06
CA ARG A 14 -16.49 -23.58 -5.03
C ARG A 14 -15.44 -22.49 -5.24
N PHE A 15 -15.63 -21.68 -6.27
CA PHE A 15 -14.73 -20.57 -6.53
C PHE A 15 -15.37 -19.32 -5.90
N ARG A 16 -15.18 -19.14 -4.60
CA ARG A 16 -15.77 -17.97 -3.94
C ARG A 16 -14.92 -16.72 -4.17
N ASP A 17 -13.60 -16.83 -3.99
CA ASP A 17 -12.69 -15.70 -4.20
C ASP A 17 -11.25 -16.16 -4.42
N LEU A 18 -10.28 -15.24 -4.34
CA LEU A 18 -8.90 -15.61 -4.61
C LEU A 18 -8.34 -16.72 -3.74
N SER A 19 -8.92 -16.93 -2.56
CA SER A 19 -8.45 -18.00 -1.66
C SER A 19 -8.63 -19.39 -2.23
N ASP A 20 -9.48 -19.52 -3.23
CA ASP A 20 -9.74 -20.81 -3.87
C ASP A 20 -8.80 -21.08 -5.03
N LEU A 21 -7.90 -20.15 -5.31
CA LEU A 21 -6.94 -20.33 -6.40
C LEU A 21 -5.57 -20.53 -5.79
N LYS A 22 -4.66 -21.15 -6.53
CA LYS A 22 -3.33 -21.41 -6.02
C LYS A 22 -2.32 -20.29 -6.26
N HIS A 23 -2.44 -19.56 -7.37
CA HIS A 23 -1.46 -18.54 -7.70
C HIS A 23 -1.83 -17.08 -7.48
N SER A 24 -2.92 -16.82 -6.75
CA SER A 24 -3.31 -15.43 -6.52
C SER A 24 -2.91 -15.02 -5.12
N PRO A 25 -2.86 -13.71 -4.86
CA PRO A 25 -2.51 -13.16 -3.53
C PRO A 25 -3.61 -13.53 -2.54
N LYS A 26 -3.24 -13.92 -1.33
CA LYS A 26 -4.26 -14.22 -0.32
C LYS A 26 -4.02 -13.13 0.71
N LEU A 27 -4.75 -12.04 0.52
CA LEU A 27 -4.66 -10.80 1.28
C LEU A 27 -5.69 -10.48 2.36
N CYS A 28 -5.22 -9.86 3.44
CA CYS A 28 -6.12 -9.41 4.49
C CYS A 28 -5.71 -7.97 4.78
N ILE A 29 -6.66 -7.05 4.68
CA ILE A 29 -6.40 -5.64 4.93
C ILE A 29 -7.04 -5.26 6.27
N ILE A 30 -6.29 -4.55 7.11
CA ILE A 30 -6.81 -4.08 8.38
C ILE A 30 -6.77 -2.55 8.29
N THR A 31 -7.93 -1.90 8.45
CA THR A 31 -7.97 -0.45 8.38
C THR A 31 -9.04 0.17 9.27
N CYS A 32 -9.31 1.45 9.08
CA CYS A 32 -10.26 2.16 9.94
C CYS A 32 -11.68 2.21 9.37
N MET A 33 -12.64 2.55 10.23
CA MET A 33 -14.05 2.63 9.84
C MET A 33 -14.42 3.96 9.18
N ASP A 34 -13.44 4.87 9.13
CA ASP A 34 -13.59 6.20 8.53
C ASP A 34 -14.31 6.13 7.17
N SER A 35 -15.35 6.95 7.02
CA SER A 35 -16.13 6.95 5.78
C SER A 35 -15.39 7.41 4.53
N ARG A 36 -14.29 8.13 4.70
CA ARG A 36 -13.54 8.60 3.54
C ARG A 36 -12.69 7.52 2.89
N LEU A 37 -12.61 6.36 3.55
CA LEU A 37 -11.83 5.26 3.00
C LEU A 37 -12.70 4.42 2.06
N ILE A 38 -14.01 4.56 2.16
CA ILE A 38 -14.89 3.78 1.29
C ILE A 38 -14.58 4.19 -0.15
N ASP A 39 -14.45 3.20 -1.03
CA ASP A 39 -14.17 3.42 -2.46
C ASP A 39 -12.72 3.84 -2.68
N LEU A 40 -12.32 4.95 -2.08
CA LEU A 40 -10.96 5.45 -2.24
C LEU A 40 -9.88 4.42 -1.91
N LEU A 41 -10.03 3.71 -0.79
CA LEU A 41 -9.02 2.73 -0.38
C LEU A 41 -8.89 1.59 -1.40
N GLU A 42 -10.03 1.08 -1.85
CA GLU A 42 -10.04 0.02 -2.84
C GLU A 42 -9.30 0.45 -4.11
N ARG A 43 -9.66 1.62 -4.66
CA ARG A 43 -9.01 2.12 -5.87
C ARG A 43 -7.52 2.41 -5.61
N ALA A 44 -7.22 2.94 -4.43
CA ALA A 44 -5.84 3.25 -4.10
C ALA A 44 -4.95 1.98 -4.01
N LEU A 45 -5.54 0.87 -3.59
CA LEU A 45 -4.81 -0.39 -3.48
C LEU A 45 -4.94 -1.27 -4.71
N GLY A 46 -5.76 -0.83 -5.67
CA GLY A 46 -5.96 -1.62 -6.88
C GLY A 46 -6.73 -2.88 -6.56
N ILE A 47 -7.63 -2.78 -5.58
CA ILE A 47 -8.41 -3.92 -5.15
C ILE A 47 -9.87 -3.89 -5.60
N GLY A 48 -10.44 -5.07 -5.81
CA GLY A 48 -11.83 -5.18 -6.21
C GLY A 48 -12.49 -6.32 -5.48
N ARG A 49 -13.71 -6.65 -5.91
CA ARG A 49 -14.48 -7.71 -5.29
C ARG A 49 -13.75 -9.04 -5.35
N GLY A 50 -13.66 -9.70 -4.19
CA GLY A 50 -12.99 -10.98 -4.09
C GLY A 50 -11.49 -10.90 -3.91
N ASP A 51 -10.92 -9.70 -3.98
CA ASP A 51 -9.46 -9.51 -3.87
C ASP A 51 -8.83 -9.50 -2.47
N ALA A 52 -9.61 -9.26 -1.44
CA ALA A 52 -9.04 -9.25 -0.09
C ALA A 52 -10.11 -9.36 0.98
N LYS A 53 -9.71 -9.86 2.15
CA LYS A 53 -10.60 -9.96 3.30
C LYS A 53 -10.36 -8.63 4.00
N VAL A 54 -11.41 -7.98 4.49
CA VAL A 54 -11.22 -6.66 5.08
C VAL A 54 -11.75 -6.51 6.50
N ILE A 55 -10.86 -6.10 7.41
CA ILE A 55 -11.21 -5.89 8.81
C ILE A 55 -11.18 -4.38 9.07
N LYS A 56 -12.18 -3.87 9.78
CA LYS A 56 -12.25 -2.44 10.07
C LYS A 56 -12.82 -2.16 11.45
N ASN A 57 -12.17 -1.25 12.18
CA ASN A 57 -12.67 -0.85 13.49
C ASN A 57 -12.24 0.61 13.68
N ALA A 58 -12.51 1.20 14.83
CA ALA A 58 -12.17 2.60 15.02
C ALA A 58 -10.66 2.82 15.22
N GLY A 59 -10.02 3.44 14.23
CA GLY A 59 -8.59 3.71 14.32
C GLY A 59 -7.65 2.60 13.90
N ASN A 60 -8.19 1.54 13.29
CA ASN A 60 -7.40 0.38 12.86
C ASN A 60 -6.40 -0.03 13.94
N ILE A 61 -6.92 -0.22 15.14
CA ILE A 61 -6.13 -0.65 16.28
C ILE A 61 -6.22 -2.17 16.38
N VAL A 62 -5.07 -2.83 16.49
CA VAL A 62 -5.04 -4.28 16.58
C VAL A 62 -5.31 -4.75 18.00
N ASP A 63 -6.53 -5.23 18.23
CA ASP A 63 -6.92 -5.74 19.54
C ASP A 63 -7.22 -7.23 19.37
N ASP A 64 -7.74 -7.87 20.42
CA ASP A 64 -8.03 -9.31 20.36
C ASP A 64 -9.00 -9.69 19.24
N GLY A 65 -10.01 -8.85 19.02
CA GLY A 65 -10.99 -9.13 17.99
C GLY A 65 -10.35 -9.13 16.60
N VAL A 66 -9.45 -8.18 16.36
CA VAL A 66 -8.78 -8.10 15.08
C VAL A 66 -7.90 -9.32 14.86
N ILE A 67 -7.14 -9.70 15.89
CA ILE A 67 -6.26 -10.85 15.78
C ILE A 67 -7.06 -12.12 15.48
N ARG A 68 -8.18 -12.30 16.16
CA ARG A 68 -9.02 -13.47 15.92
C ARG A 68 -9.59 -13.51 14.50
N SER A 69 -9.97 -12.35 13.95
CA SER A 69 -10.50 -12.30 12.60
C SER A 69 -9.38 -12.57 11.61
N ALA A 70 -8.21 -12.02 11.87
CA ALA A 70 -7.07 -12.25 10.98
C ALA A 70 -6.69 -13.74 11.02
N ALA A 71 -6.73 -14.34 12.20
CA ALA A 71 -6.41 -15.78 12.34
C ALA A 71 -7.43 -16.59 11.51
N VAL A 72 -8.70 -16.19 11.55
CA VAL A 72 -9.70 -16.89 10.76
C VAL A 72 -9.31 -16.79 9.29
N ALA A 73 -8.93 -15.58 8.88
CA ALA A 73 -8.52 -15.35 7.50
C ALA A 73 -7.33 -16.25 7.12
N ILE A 74 -6.38 -16.39 8.03
CA ILE A 74 -5.19 -17.21 7.77
C ILE A 74 -5.48 -18.71 7.72
N TYR A 75 -6.08 -19.25 8.76
CA TYR A 75 -6.31 -20.70 8.80
C TYR A 75 -7.47 -21.24 7.98
N ALA A 76 -8.53 -20.47 7.84
CA ALA A 76 -9.70 -20.91 7.07
C ALA A 76 -9.66 -20.47 5.61
N LEU A 77 -9.05 -19.32 5.35
CA LEU A 77 -9.04 -18.76 4.00
C LEU A 77 -7.68 -18.68 3.32
N GLY A 78 -6.67 -19.28 3.92
CA GLY A 78 -5.34 -19.27 3.33
C GLY A 78 -4.59 -17.94 3.22
N ASP A 79 -4.97 -16.94 3.99
CA ASP A 79 -4.26 -15.65 3.92
C ASP A 79 -2.82 -15.80 4.36
N ASN A 80 -1.92 -15.23 3.57
CA ASN A 80 -0.50 -15.32 3.90
C ASN A 80 0.13 -13.94 3.88
N GLU A 81 -0.70 -12.90 3.77
CA GLU A 81 -0.21 -11.53 3.77
C GLU A 81 -1.25 -10.60 4.39
N ILE A 82 -0.81 -9.84 5.38
CA ILE A 82 -1.71 -8.90 6.06
C ILE A 82 -1.13 -7.50 5.91
N ILE A 83 -1.99 -6.53 5.61
CA ILE A 83 -1.56 -5.14 5.47
C ILE A 83 -2.42 -4.23 6.34
N ILE A 84 -1.81 -3.59 7.32
CA ILE A 84 -2.56 -2.67 8.15
C ILE A 84 -2.43 -1.35 7.39
N VAL A 85 -3.56 -0.65 7.21
CA VAL A 85 -3.53 0.64 6.53
C VAL A 85 -4.15 1.73 7.42
N GLY A 86 -3.30 2.59 7.98
CA GLY A 86 -3.82 3.68 8.78
C GLY A 86 -4.05 4.82 7.80
N HIS A 87 -4.55 5.95 8.28
CA HIS A 87 -4.76 7.06 7.36
C HIS A 87 -4.58 8.39 8.08
N THR A 88 -4.26 9.43 7.32
CA THR A 88 -4.07 10.75 7.92
C THR A 88 -5.41 11.29 8.35
N ASP A 89 -5.38 12.19 9.32
CA ASP A 89 -6.58 12.82 9.88
C ASP A 89 -7.56 11.80 10.45
N CYS A 90 -7.03 10.88 11.25
CA CYS A 90 -7.85 9.84 11.88
C CYS A 90 -8.48 10.44 13.14
N GLY A 91 -7.66 10.97 14.03
CA GLY A 91 -8.22 11.58 15.22
C GLY A 91 -8.44 10.66 16.40
N MET A 92 -8.41 9.35 16.17
CA MET A 92 -8.55 8.41 17.29
C MET A 92 -7.35 8.75 18.14
N ALA A 93 -6.43 9.49 17.53
CA ALA A 93 -5.23 9.97 18.18
C ALA A 93 -5.45 11.44 18.49
N ARG A 94 -6.68 11.80 18.85
CA ARG A 94 -7.00 13.19 19.18
C ARG A 94 -8.41 13.38 19.78
N LEU A 95 -9.03 12.30 20.24
CA LEU A 95 -10.40 12.39 20.79
C LEU A 95 -10.60 13.47 21.85
N ASP A 96 -11.86 13.82 22.10
CA ASP A 96 -12.24 14.82 23.09
C ASP A 96 -12.86 14.06 24.27
N GLU A 97 -12.00 13.44 25.09
CA GLU A 97 -12.45 12.66 26.23
C GLU A 97 -13.58 13.33 27.02
N ASP A 98 -13.35 14.57 27.43
CA ASP A 98 -14.33 15.32 28.20
C ASP A 98 -15.68 15.47 27.51
N LEU A 99 -15.67 15.91 26.25
CA LEU A 99 -16.92 16.08 25.51
C LEU A 99 -17.64 14.74 25.41
N ILE A 100 -16.88 13.66 25.22
CA ILE A 100 -17.46 12.34 25.11
C ILE A 100 -18.07 11.92 26.44
N VAL A 101 -17.31 12.14 27.52
CA VAL A 101 -17.78 11.80 28.85
C VAL A 101 -19.05 12.56 29.18
N SER A 102 -19.10 13.83 28.79
CA SER A 102 -20.26 14.68 29.05
C SER A 102 -21.54 14.17 28.42
N ARG A 103 -21.41 13.66 27.19
CA ARG A 103 -22.57 13.14 26.46
C ARG A 103 -23.11 11.86 27.08
N MET A 104 -22.21 10.95 27.45
CA MET A 104 -22.61 9.69 28.06
C MET A 104 -23.28 9.97 29.40
N ARG A 105 -22.64 10.81 30.19
CA ARG A 105 -23.14 11.19 31.49
C ARG A 105 -24.49 11.89 31.29
N GLU A 106 -24.68 12.46 30.10
CA GLU A 106 -25.91 13.16 29.75
C GLU A 106 -27.07 12.18 29.58
N LEU A 107 -26.83 11.10 28.85
CA LEU A 107 -27.86 10.09 28.62
C LEU A 107 -28.01 9.15 29.80
N GLY A 108 -27.37 9.48 30.91
CA GLY A 108 -27.47 8.66 32.10
C GLY A 108 -26.65 7.39 32.12
N VAL A 109 -25.68 7.28 31.22
CA VAL A 109 -24.83 6.09 31.18
C VAL A 109 -24.20 5.90 32.55
N GLU A 110 -24.32 4.70 33.10
CA GLU A 110 -23.76 4.39 34.42
C GLU A 110 -22.29 4.80 34.48
N GLU A 111 -21.92 5.47 35.57
CA GLU A 111 -20.54 5.92 35.76
C GLU A 111 -19.56 4.77 35.63
N GLU A 112 -19.94 3.59 36.13
CA GLU A 112 -19.09 2.43 36.06
C GLU A 112 -18.75 2.16 34.59
N VAL A 113 -19.77 2.15 33.75
CA VAL A 113 -19.61 1.92 32.32
C VAL A 113 -18.70 2.98 31.70
N ILE A 114 -19.03 4.25 31.94
CA ILE A 114 -18.24 5.36 31.41
C ILE A 114 -16.77 5.21 31.74
N GLU A 115 -16.47 4.91 33.00
CA GLU A 115 -15.09 4.73 33.44
C GLU A 115 -14.37 3.64 32.65
N ASN A 116 -15.06 2.51 32.45
CA ASN A 116 -14.49 1.39 31.71
C ASN A 116 -14.15 1.83 30.28
N PHE A 117 -15.12 2.51 29.65
CA PHE A 117 -14.94 2.99 28.30
C PHE A 117 -13.67 3.85 28.24
N SER A 118 -13.56 4.78 29.18
CA SER A 118 -12.41 5.68 29.26
C SER A 118 -11.06 4.97 29.23
N ILE A 119 -10.89 3.98 30.09
CA ILE A 119 -9.63 3.26 30.17
C ILE A 119 -9.41 2.35 28.97
N ASP A 120 -10.49 1.81 28.42
CA ASP A 120 -10.40 0.90 27.29
C ASP A 120 -10.21 1.52 25.92
N VAL A 121 -10.85 2.66 25.67
CA VAL A 121 -10.73 3.28 24.35
C VAL A 121 -10.09 4.65 24.31
N LEU A 122 -10.16 5.40 25.40
CA LEU A 122 -9.56 6.73 25.42
C LEU A 122 -8.05 6.66 25.60
N ASN A 123 -7.61 6.85 26.83
CA ASN A 123 -6.18 6.83 27.16
C ASN A 123 -5.23 6.02 26.25
N PRO A 124 -5.60 4.77 25.91
CA PRO A 124 -4.76 3.90 25.05
C PRO A 124 -4.75 4.13 23.53
N VAL A 125 -3.71 4.79 23.02
CA VAL A 125 -3.57 5.03 21.57
C VAL A 125 -2.61 6.14 21.15
N GLY A 126 -1.60 5.80 20.35
CA GLY A 126 -0.63 6.78 19.88
C GLY A 126 -1.14 7.48 18.63
N ASP A 127 -0.28 8.20 17.92
CA ASP A 127 -0.72 8.87 16.70
C ASP A 127 -0.72 7.93 15.48
N GLU A 128 -1.30 8.39 14.39
CA GLU A 128 -1.44 7.53 13.20
C GLU A 128 -0.32 6.57 12.79
N GLU A 129 0.87 7.10 12.48
CA GLU A 129 1.96 6.22 12.05
C GLU A 129 2.42 5.26 13.14
N GLU A 130 2.49 5.74 14.38
CA GLU A 130 2.92 4.87 15.46
C GLU A 130 1.88 3.80 15.75
N ASN A 131 0.61 4.14 15.58
CA ASN A 131 -0.44 3.14 15.81
C ASN A 131 -0.29 1.99 14.81
N VAL A 132 0.05 2.31 13.56
CA VAL A 132 0.25 1.28 12.55
C VAL A 132 1.44 0.36 12.89
N ILE A 133 2.59 0.97 13.22
CA ILE A 133 3.78 0.22 13.58
C ILE A 133 3.48 -0.66 14.78
N GLU A 134 2.75 -0.11 15.74
CA GLU A 134 2.38 -0.86 16.94
C GLU A 134 1.50 -2.07 16.55
N GLY A 135 0.59 -1.85 15.60
CA GLY A 135 -0.27 -2.95 15.17
C GLY A 135 0.54 -4.04 14.52
N VAL A 136 1.55 -3.64 13.74
CA VAL A 136 2.39 -4.62 13.08
C VAL A 136 3.10 -5.46 14.16
N LYS A 137 3.64 -4.79 15.16
CA LYS A 137 4.32 -5.52 16.23
C LYS A 137 3.40 -6.50 16.94
N ARG A 138 2.16 -6.10 17.21
CA ARG A 138 1.21 -6.98 17.87
C ARG A 138 0.89 -8.22 17.06
N LEU A 139 0.68 -8.04 15.76
CA LEU A 139 0.36 -9.17 14.91
C LEU A 139 1.56 -10.12 14.83
N LYS A 140 2.74 -9.55 14.62
CA LYS A 140 3.94 -10.36 14.52
C LYS A 140 4.31 -11.07 15.82
N SER A 141 3.95 -10.48 16.95
CA SER A 141 4.22 -11.05 18.27
C SER A 141 3.20 -12.09 18.73
N SER A 142 2.04 -12.10 18.08
CA SER A 142 0.98 -13.02 18.47
C SER A 142 1.22 -14.48 18.12
N PRO A 143 1.04 -15.37 19.11
CA PRO A 143 1.22 -16.80 18.88
C PRO A 143 0.17 -17.35 17.89
N LEU A 144 -0.84 -16.55 17.57
CA LEU A 144 -1.87 -16.95 16.62
C LEU A 144 -1.46 -16.60 15.19
N ILE A 145 -0.47 -15.72 15.06
CA ILE A 145 -0.01 -15.31 13.74
C ILE A 145 1.34 -15.99 13.42
N PRO A 146 1.34 -16.93 12.46
CA PRO A 146 2.60 -17.63 12.10
C PRO A 146 3.58 -16.66 11.47
N GLU A 147 4.87 -16.87 11.72
CA GLU A 147 5.86 -15.96 11.14
C GLU A 147 5.92 -16.11 9.64
N SER A 148 5.40 -17.19 9.08
CA SER A 148 5.41 -17.31 7.63
C SER A 148 4.44 -16.28 6.99
N ILE A 149 3.63 -15.60 7.81
CA ILE A 149 2.69 -14.61 7.29
C ILE A 149 3.37 -13.23 7.13
N GLY A 150 3.25 -12.61 5.97
CA GLY A 150 3.85 -11.30 5.79
C GLY A 150 2.95 -10.24 6.38
N VAL A 151 3.49 -9.35 7.20
CA VAL A 151 2.69 -8.29 7.83
C VAL A 151 3.32 -6.94 7.51
N HIS A 152 2.56 -6.11 6.80
CA HIS A 152 3.02 -4.81 6.36
C HIS A 152 2.22 -3.68 6.99
N GLY A 153 2.85 -2.51 7.10
CA GLY A 153 2.18 -1.37 7.68
C GLY A 153 2.29 -0.20 6.73
N LEU A 154 1.16 0.43 6.43
CA LEU A 154 1.13 1.56 5.51
C LEU A 154 0.21 2.62 6.08
N ILE A 155 0.38 3.84 5.59
CA ILE A 155 -0.51 4.91 5.97
C ILE A 155 -0.92 5.58 4.67
N ILE A 156 -2.22 5.83 4.51
CA ILE A 156 -2.73 6.46 3.30
C ILE A 156 -3.17 7.91 3.55
N ASP A 157 -2.89 8.80 2.60
CA ASP A 157 -3.34 10.19 2.69
C ASP A 157 -4.85 10.13 2.47
N ILE A 158 -5.63 10.55 3.46
CA ILE A 158 -7.08 10.45 3.36
C ILE A 158 -7.74 11.27 2.24
N ASN A 159 -7.03 12.26 1.70
CA ASN A 159 -7.61 13.06 0.63
C ASN A 159 -7.14 12.68 -0.76
N THR A 160 -5.92 12.19 -0.89
CA THR A 160 -5.36 11.85 -2.20
C THR A 160 -5.26 10.34 -2.51
N GLY A 161 -5.23 9.50 -1.48
CA GLY A 161 -5.12 8.06 -1.69
C GLY A 161 -3.68 7.60 -1.84
N ARG A 162 -2.73 8.53 -1.72
CA ARG A 162 -1.33 8.15 -1.85
C ARG A 162 -0.87 7.35 -0.63
N LEU A 163 -0.21 6.21 -0.88
CA LEU A 163 0.28 5.34 0.19
C LEU A 163 1.72 5.64 0.57
N LYS A 164 2.00 5.60 1.87
CA LYS A 164 3.34 5.80 2.38
C LYS A 164 3.67 4.54 3.19
N PRO A 165 4.73 3.82 2.82
CA PRO A 165 5.02 2.62 3.61
C PRO A 165 5.67 2.94 4.96
N LEU A 166 5.25 2.23 6.01
CA LEU A 166 5.80 2.42 7.34
C LEU A 166 6.68 1.22 7.70
N TYR A 167 6.25 0.05 7.24
CA TYR A 167 7.00 -1.16 7.49
C TYR A 167 6.70 -2.17 6.42
N LEU A 168 7.76 -2.69 5.82
CA LEU A 168 7.62 -3.68 4.77
C LEU A 168 8.27 -4.99 5.12
N ASP A 169 7.44 -6.04 5.17
CA ASP A 169 7.86 -7.38 5.53
C ASP A 169 8.22 -8.11 4.20
N GLU A 170 8.53 -9.39 4.38
CA GLU A 170 8.78 -10.39 3.38
C GLU A 170 10.24 -10.58 3.18
N ILE B 2 -31.70 6.27 7.38
CA ILE B 2 -31.74 6.08 5.91
C ILE B 2 -32.04 4.64 5.50
N ILE B 3 -32.31 3.78 6.49
CA ILE B 3 -32.60 2.39 6.21
C ILE B 3 -33.73 2.25 5.18
N LYS B 4 -34.64 3.21 5.17
CA LYS B 4 -35.76 3.19 4.25
C LYS B 4 -35.27 3.41 2.82
N ASP B 5 -34.44 4.43 2.64
CA ASP B 5 -33.90 4.74 1.35
C ASP B 5 -33.05 3.57 0.84
N ILE B 6 -32.27 2.99 1.73
CA ILE B 6 -31.41 1.86 1.38
C ILE B 6 -32.22 0.70 0.81
N LEU B 7 -33.31 0.33 1.50
CA LEU B 7 -34.13 -0.77 1.03
C LEU B 7 -34.78 -0.46 -0.31
N ARG B 8 -35.18 0.79 -0.49
CA ARG B 8 -35.81 1.21 -1.73
C ARG B 8 -34.74 1.18 -2.82
N GLU B 9 -33.56 1.69 -2.48
CA GLU B 9 -32.45 1.73 -3.41
C GLU B 9 -32.10 0.30 -3.85
N ASN B 10 -32.16 -0.64 -2.91
CA ASN B 10 -31.81 -2.03 -3.22
C ASN B 10 -32.72 -2.67 -4.27
N GLN B 11 -33.96 -2.21 -4.34
CA GLN B 11 -34.88 -2.75 -5.34
C GLN B 11 -34.32 -2.21 -6.65
N ASP B 12 -33.30 -1.39 -6.51
CA ASP B 12 -32.60 -0.72 -7.62
C ASP B 12 -33.42 0.41 -8.18
N SER B 24 -19.14 12.92 10.07
CA SER B 24 -20.38 13.53 9.51
C SER B 24 -21.52 12.54 9.22
N PRO B 25 -21.25 11.46 8.48
CA PRO B 25 -22.29 10.48 8.17
C PRO B 25 -23.01 10.07 9.46
N LYS B 26 -24.34 9.94 9.41
CA LYS B 26 -25.10 9.58 10.57
C LYS B 26 -25.21 8.07 10.70
N LEU B 27 -24.78 7.35 9.65
CA LEU B 27 -24.88 5.89 9.58
C LEU B 27 -23.61 5.11 9.86
N CYS B 28 -23.78 3.93 10.47
CA CYS B 28 -22.69 3.02 10.74
C CYS B 28 -23.15 1.63 10.27
N ILE B 29 -22.35 0.99 9.44
CA ILE B 29 -22.67 -0.33 8.95
C ILE B 29 -21.68 -1.29 9.59
N ILE B 30 -22.19 -2.43 10.06
CA ILE B 30 -21.38 -3.47 10.65
C ILE B 30 -21.60 -4.67 9.74
N THR B 31 -20.53 -5.19 9.13
CA THR B 31 -20.70 -6.33 8.24
C THR B 31 -19.50 -7.26 8.32
N CYS B 32 -19.43 -8.23 7.40
CA CYS B 32 -18.35 -9.22 7.40
C CYS B 32 -17.11 -8.85 6.59
N MET B 33 -16.00 -9.52 6.88
CA MET B 33 -14.73 -9.25 6.16
C MET B 33 -14.66 -9.94 4.80
N ASP B 34 -15.66 -10.77 4.51
CA ASP B 34 -15.75 -11.52 3.24
C ASP B 34 -15.41 -10.63 2.04
N SER B 35 -14.48 -11.10 1.21
CA SER B 35 -14.05 -10.32 0.04
C SER B 35 -15.15 -10.06 -1.00
N ARG B 36 -16.16 -10.93 -1.01
CA ARG B 36 -17.26 -10.80 -1.97
C ARG B 36 -18.16 -9.60 -1.67
N LEU B 37 -18.01 -9.03 -0.48
CA LEU B 37 -18.79 -7.84 -0.11
C LEU B 37 -18.14 -6.55 -0.67
N ILE B 38 -16.87 -6.62 -1.06
CA ILE B 38 -16.19 -5.44 -1.62
C ILE B 38 -16.90 -5.00 -2.91
N ASP B 39 -17.24 -3.71 -2.98
CA ASP B 39 -17.94 -3.09 -4.10
C ASP B 39 -19.41 -3.50 -4.21
N LEU B 40 -19.69 -4.79 -4.03
CA LEU B 40 -21.07 -5.27 -4.11
C LEU B 40 -21.94 -4.60 -3.06
N LEU B 41 -21.45 -4.52 -1.82
CA LEU B 41 -22.23 -3.93 -0.75
C LEU B 41 -22.51 -2.43 -0.98
N GLU B 42 -21.50 -1.72 -1.47
CA GLU B 42 -21.62 -0.30 -1.76
C GLU B 42 -22.74 -0.03 -2.79
N ARG B 43 -22.73 -0.78 -3.90
CA ARG B 43 -23.75 -0.59 -4.94
C ARG B 43 -25.11 -1.05 -4.44
N ALA B 44 -25.13 -2.18 -3.72
CA ALA B 44 -26.38 -2.72 -3.21
C ALA B 44 -27.09 -1.80 -2.24
N LEU B 45 -26.34 -1.11 -1.38
CA LEU B 45 -26.95 -0.20 -0.41
C LEU B 45 -27.05 1.23 -0.89
N GLY B 46 -26.39 1.52 -2.02
CA GLY B 46 -26.37 2.89 -2.51
C GLY B 46 -25.46 3.71 -1.60
N ILE B 47 -24.44 3.07 -1.05
CA ILE B 47 -23.50 3.75 -0.16
C ILE B 47 -22.13 3.95 -0.82
N GLY B 48 -21.60 5.17 -0.76
CA GLY B 48 -20.31 5.47 -1.35
C GLY B 48 -19.40 6.23 -0.39
N ARG B 49 -18.30 6.75 -0.91
CA ARG B 49 -17.36 7.47 -0.07
C ARG B 49 -18.03 8.55 0.78
N GLY B 50 -17.76 8.51 2.07
CA GLY B 50 -18.33 9.49 2.98
C GLY B 50 -19.75 9.25 3.45
N ASP B 51 -20.37 8.13 3.06
CA ASP B 51 -21.76 7.87 3.46
C ASP B 51 -21.95 7.10 4.76
N ALA B 52 -20.88 6.53 5.30
CA ALA B 52 -21.04 5.77 6.52
C ALA B 52 -19.73 5.32 7.12
N LYS B 53 -19.76 5.06 8.42
CA LYS B 53 -18.61 4.49 9.09
C LYS B 53 -18.82 3.01 8.86
N VAL B 54 -17.73 2.27 8.63
CA VAL B 54 -17.88 0.84 8.39
C VAL B 54 -17.01 -0.02 9.28
N ILE B 55 -17.65 -0.92 10.01
CA ILE B 55 -16.97 -1.85 10.91
C ILE B 55 -17.08 -3.25 10.29
N LYS B 56 -15.97 -3.97 10.23
CA LYS B 56 -15.97 -5.31 9.62
C LYS B 56 -15.13 -6.29 10.42
N ASN B 57 -15.64 -7.52 10.58
CA ASN B 57 -14.88 -8.56 11.27
C ASN B 57 -15.36 -9.91 10.73
N ALA B 58 -14.79 -10.99 11.23
CA ALA B 58 -15.15 -12.32 10.78
C ALA B 58 -16.58 -12.68 11.18
N GLY B 59 -17.46 -12.72 10.18
CA GLY B 59 -18.86 -13.06 10.40
C GLY B 59 -19.77 -11.99 10.99
N ASN B 60 -19.40 -10.72 10.87
CA ASN B 60 -20.17 -9.61 11.47
C ASN B 60 -20.70 -9.96 12.87
N ILE B 61 -19.82 -10.49 13.69
CA ILE B 61 -20.17 -10.85 15.04
C ILE B 61 -19.99 -9.63 15.93
N VAL B 62 -21.03 -9.27 16.67
CA VAL B 62 -20.96 -8.13 17.56
C VAL B 62 -20.32 -8.51 18.89
N ASP B 63 -19.05 -8.16 19.05
CA ASP B 63 -18.30 -8.45 20.27
C ASP B 63 -17.96 -7.11 20.93
N ASP B 64 -17.17 -7.14 22.01
CA ASP B 64 -16.82 -5.90 22.71
C ASP B 64 -16.09 -4.91 21.82
N GLY B 65 -15.27 -5.42 20.91
CA GLY B 65 -14.54 -4.57 20.00
C GLY B 65 -15.48 -3.82 19.05
N VAL B 66 -16.45 -4.53 18.50
CA VAL B 66 -17.43 -3.90 17.60
C VAL B 66 -18.25 -2.86 18.35
N ILE B 67 -18.66 -3.19 19.57
CA ILE B 67 -19.46 -2.29 20.38
C ILE B 67 -18.68 -1.01 20.73
N ARG B 68 -17.40 -1.17 21.05
CA ARG B 68 -16.61 0.02 21.38
C ARG B 68 -16.43 0.93 20.16
N SER B 69 -16.26 0.34 18.99
CA SER B 69 -16.11 1.13 17.76
C SER B 69 -17.43 1.85 17.45
N ALA B 70 -18.54 1.15 17.68
CA ALA B 70 -19.86 1.72 17.44
C ALA B 70 -20.07 2.88 18.44
N ALA B 71 -19.67 2.66 19.68
CA ALA B 71 -19.81 3.68 20.72
C ALA B 71 -19.01 4.94 20.34
N VAL B 72 -17.83 4.73 19.78
CA VAL B 72 -17.00 5.87 19.35
C VAL B 72 -17.70 6.64 18.23
N ALA B 73 -18.20 5.91 17.22
CA ALA B 73 -18.90 6.57 16.12
C ALA B 73 -20.10 7.37 16.63
N ILE B 74 -20.75 6.86 17.66
CA ILE B 74 -21.93 7.52 18.23
C ILE B 74 -21.59 8.78 19.04
N TYR B 75 -20.80 8.61 20.09
CA TYR B 75 -20.45 9.72 20.97
C TYR B 75 -19.44 10.75 20.47
N ALA B 76 -18.70 10.42 19.42
CA ALA B 76 -17.72 11.38 18.95
C ALA B 76 -18.02 11.80 17.53
N LEU B 77 -18.69 10.94 16.77
CA LEU B 77 -18.96 11.26 15.38
C LEU B 77 -20.39 11.44 14.93
N GLY B 78 -21.26 11.89 15.85
CA GLY B 78 -22.66 12.15 15.54
C GLY B 78 -23.37 11.02 14.82
N ASP B 79 -23.24 9.84 15.38
CA ASP B 79 -23.83 8.65 14.80
C ASP B 79 -25.16 8.25 15.46
N ASN B 80 -26.23 8.17 14.68
CA ASN B 80 -27.54 7.81 15.26
C ASN B 80 -28.23 6.58 14.65
N GLU B 81 -27.55 5.87 13.77
CA GLU B 81 -28.19 4.71 13.15
C GLU B 81 -27.17 3.64 12.81
N ILE B 82 -27.47 2.41 13.19
CA ILE B 82 -26.61 1.28 12.94
C ILE B 82 -27.34 0.19 12.17
N ILE B 83 -26.68 -0.32 11.13
CA ILE B 83 -27.25 -1.39 10.33
C ILE B 83 -26.28 -2.54 10.29
N ILE B 84 -26.70 -3.69 10.81
CA ILE B 84 -25.88 -4.89 10.75
C ILE B 84 -26.34 -5.59 9.47
N VAL B 85 -25.38 -5.92 8.59
CA VAL B 85 -25.67 -6.59 7.34
C VAL B 85 -24.92 -7.91 7.29
N GLY B 86 -25.64 -9.01 7.51
CA GLY B 86 -25.01 -10.31 7.41
C GLY B 86 -25.12 -10.68 5.95
N HIS B 87 -24.63 -11.85 5.56
CA HIS B 87 -24.72 -12.26 4.16
C HIS B 87 -24.80 -13.77 4.07
N THR B 88 -25.39 -14.26 2.98
CA THR B 88 -25.53 -15.70 2.78
C THR B 88 -24.17 -16.29 2.45
N ASP B 89 -24.04 -17.59 2.72
CA ASP B 89 -22.82 -18.31 2.43
C ASP B 89 -21.62 -17.73 3.21
N CYS B 90 -21.84 -17.34 4.46
CA CYS B 90 -20.78 -16.80 5.30
C CYS B 90 -19.90 -17.91 5.87
N GLY B 91 -18.59 -17.76 5.71
CA GLY B 91 -17.66 -18.76 6.19
C GLY B 91 -17.76 -19.12 7.66
N MET B 92 -18.17 -18.17 8.50
CA MET B 92 -18.29 -18.41 9.93
C MET B 92 -19.42 -19.40 10.27
N ALA B 93 -20.32 -19.66 9.32
CA ALA B 93 -21.41 -20.59 9.55
C ALA B 93 -21.10 -21.96 8.92
N ARG B 94 -19.96 -22.08 8.24
CA ARG B 94 -19.57 -23.33 7.61
C ARG B 94 -18.09 -23.64 7.86
N LEU B 95 -17.67 -23.44 9.11
CA LEU B 95 -16.29 -23.67 9.52
C LEU B 95 -15.91 -25.16 9.53
N ASP B 96 -14.86 -25.51 8.78
CA ASP B 96 -14.37 -26.88 8.75
C ASP B 96 -13.25 -26.95 9.78
N GLU B 97 -13.60 -27.29 11.02
CA GLU B 97 -12.65 -27.38 12.13
C GLU B 97 -11.39 -28.21 11.84
N ASP B 98 -11.56 -29.45 11.42
CA ASP B 98 -10.42 -30.32 11.14
C ASP B 98 -9.48 -29.74 10.10
N LEU B 99 -10.06 -29.15 9.06
CA LEU B 99 -9.26 -28.55 8.01
C LEU B 99 -8.48 -27.37 8.60
N ILE B 100 -9.12 -26.61 9.47
CA ILE B 100 -8.49 -25.46 10.12
C ILE B 100 -7.40 -25.90 11.11
N VAL B 101 -7.69 -26.93 11.89
CA VAL B 101 -6.70 -27.44 12.84
C VAL B 101 -5.48 -27.95 12.08
N SER B 102 -5.73 -28.61 10.96
CA SER B 102 -4.65 -29.14 10.10
C SER B 102 -3.75 -28.01 9.63
N ARG B 103 -4.34 -26.92 9.16
CA ARG B 103 -3.58 -25.76 8.69
C ARG B 103 -2.70 -25.20 9.80
N MET B 104 -3.28 -25.06 10.98
CA MET B 104 -2.57 -24.52 12.13
C MET B 104 -1.34 -25.34 12.48
N ARG B 105 -1.49 -26.67 12.52
CA ARG B 105 -0.36 -27.53 12.85
C ARG B 105 0.69 -27.46 11.75
N GLU B 106 0.23 -27.59 10.50
CA GLU B 106 1.15 -27.53 9.37
C GLU B 106 1.98 -26.25 9.41
N LEU B 107 1.38 -25.17 9.92
CA LEU B 107 2.08 -23.90 10.00
C LEU B 107 2.91 -23.79 11.28
N GLY B 108 2.98 -24.89 12.04
CA GLY B 108 3.77 -24.92 13.26
C GLY B 108 3.19 -24.30 14.52
N VAL B 109 1.89 -24.02 14.54
CA VAL B 109 1.26 -23.43 15.70
C VAL B 109 1.20 -24.43 16.87
N GLU B 110 1.55 -23.96 18.06
CA GLU B 110 1.55 -24.83 19.25
C GLU B 110 0.17 -25.42 19.55
N GLU B 111 0.17 -26.60 20.18
CA GLU B 111 -1.08 -27.28 20.50
C GLU B 111 -1.95 -26.50 21.48
N GLU B 112 -1.31 -25.76 22.38
CA GLU B 112 -2.06 -24.98 23.34
C GLU B 112 -2.86 -23.87 22.66
N VAL B 113 -2.21 -23.19 21.72
CA VAL B 113 -2.87 -22.11 20.99
C VAL B 113 -4.05 -22.67 20.22
N ILE B 114 -3.79 -23.78 19.52
CA ILE B 114 -4.82 -24.45 18.74
C ILE B 114 -6.08 -24.71 19.56
N GLU B 115 -5.94 -25.43 20.67
CA GLU B 115 -7.06 -25.75 21.53
C GLU B 115 -7.86 -24.52 21.95
N ASN B 116 -7.16 -23.53 22.48
CA ASN B 116 -7.81 -22.28 22.92
C ASN B 116 -8.54 -21.59 21.77
N PHE B 117 -7.91 -21.57 20.60
CA PHE B 117 -8.51 -20.93 19.44
C PHE B 117 -9.79 -21.65 18.97
N SER B 118 -9.77 -22.98 18.93
CA SER B 118 -10.93 -23.72 18.46
C SER B 118 -12.16 -23.48 19.34
N ILE B 119 -11.93 -23.30 20.64
CA ILE B 119 -13.01 -23.05 21.58
C ILE B 119 -13.48 -21.60 21.51
N ASP B 120 -12.53 -20.68 21.36
CA ASP B 120 -12.85 -19.26 21.29
C ASP B 120 -13.48 -18.77 19.99
N VAL B 121 -13.19 -19.45 18.87
CA VAL B 121 -13.73 -18.98 17.60
C VAL B 121 -14.33 -20.02 16.67
N LEU B 122 -13.83 -21.25 16.73
CA LEU B 122 -14.30 -22.30 15.84
C LEU B 122 -15.63 -22.98 16.14
N ASN B 123 -16.31 -22.53 17.18
CA ASN B 123 -17.59 -23.14 17.52
C ASN B 123 -18.72 -22.13 17.57
N PRO B 124 -18.86 -21.30 16.52
CA PRO B 124 -19.93 -20.31 16.52
C PRO B 124 -21.27 -21.03 16.57
N VAL B 125 -22.28 -20.39 17.14
CA VAL B 125 -23.60 -20.99 17.21
C VAL B 125 -24.55 -20.08 16.46
N GLY B 126 -25.35 -20.66 15.58
CA GLY B 126 -26.28 -19.84 14.84
C GLY B 126 -25.91 -19.61 13.39
N ASP B 127 -26.91 -19.66 12.53
CA ASP B 127 -26.70 -19.44 11.10
C ASP B 127 -26.62 -17.93 10.84
N GLU B 128 -26.43 -17.53 9.59
CA GLU B 128 -26.29 -16.12 9.29
C GLU B 128 -27.41 -15.20 9.81
N GLU B 129 -28.67 -15.61 9.64
CA GLU B 129 -29.78 -14.79 10.09
C GLU B 129 -29.79 -14.67 11.60
N GLU B 130 -29.66 -15.81 12.27
CA GLU B 130 -29.64 -15.83 13.73
C GLU B 130 -28.52 -14.95 14.27
N ASN B 131 -27.36 -14.99 13.63
CA ASN B 131 -26.23 -14.18 14.08
C ASN B 131 -26.54 -12.69 13.97
N VAL B 132 -27.23 -12.28 12.90
CA VAL B 132 -27.60 -10.87 12.74
C VAL B 132 -28.52 -10.46 13.89
N ILE B 133 -29.57 -11.24 14.12
CA ILE B 133 -30.54 -10.96 15.18
C ILE B 133 -29.85 -10.86 16.56
N GLU B 134 -28.97 -11.80 16.84
CA GLU B 134 -28.23 -11.80 18.10
C GLU B 134 -27.41 -10.50 18.19
N GLY B 135 -26.87 -10.09 17.04
CA GLY B 135 -26.08 -8.87 16.99
C GLY B 135 -26.95 -7.66 17.29
N VAL B 136 -28.17 -7.64 16.74
CA VAL B 136 -29.09 -6.53 17.00
C VAL B 136 -29.36 -6.43 18.52
N LYS B 137 -29.61 -7.59 19.14
CA LYS B 137 -29.90 -7.62 20.57
C LYS B 137 -28.72 -7.21 21.44
N ARG B 138 -27.52 -7.63 21.06
CA ARG B 138 -26.35 -7.26 21.82
C ARG B 138 -26.19 -5.74 21.84
N LEU B 139 -26.41 -5.11 20.69
CA LEU B 139 -26.27 -3.66 20.63
C LEU B 139 -27.41 -2.97 21.37
N LYS B 140 -28.62 -3.48 21.19
CA LYS B 140 -29.80 -2.92 21.84
C LYS B 140 -29.71 -3.01 23.35
N SER B 141 -29.06 -4.03 23.87
CA SER B 141 -28.95 -4.19 25.30
C SER B 141 -27.64 -3.67 25.89
N SER B 142 -26.79 -3.07 25.06
CA SER B 142 -25.53 -2.53 25.57
C SER B 142 -25.69 -1.16 26.20
N PRO B 143 -25.14 -0.96 27.41
CA PRO B 143 -25.22 0.32 28.12
C PRO B 143 -24.53 1.47 27.36
N LEU B 144 -23.56 1.10 26.51
CA LEU B 144 -22.81 2.06 25.71
C LEU B 144 -23.55 2.53 24.49
N ILE B 145 -24.69 1.91 24.21
CA ILE B 145 -25.48 2.30 23.04
C ILE B 145 -26.78 2.94 23.47
N PRO B 146 -26.94 4.26 23.23
CA PRO B 146 -28.16 4.98 23.60
C PRO B 146 -29.41 4.32 23.04
N GLU B 147 -30.43 4.21 23.89
CA GLU B 147 -31.67 3.60 23.46
C GLU B 147 -32.28 4.37 22.27
N SER B 148 -31.80 5.58 22.00
CA SER B 148 -32.31 6.40 20.89
C SER B 148 -31.65 6.07 19.56
N ILE B 149 -30.61 5.23 19.59
CA ILE B 149 -29.92 4.83 18.37
C ILE B 149 -30.76 3.78 17.64
N GLY B 150 -30.99 3.97 16.35
CA GLY B 150 -31.75 2.98 15.59
C GLY B 150 -30.80 1.85 15.24
N VAL B 151 -31.22 0.61 15.46
CA VAL B 151 -30.41 -0.56 15.18
C VAL B 151 -31.18 -1.54 14.30
N HIS B 152 -30.74 -1.70 13.05
CA HIS B 152 -31.41 -2.57 12.10
C HIS B 152 -30.60 -3.82 11.77
N GLY B 153 -31.29 -4.86 11.29
CA GLY B 153 -30.60 -6.08 10.91
C GLY B 153 -31.07 -6.54 9.53
N LEU B 154 -30.12 -6.76 8.61
CA LEU B 154 -30.44 -7.18 7.26
C LEU B 154 -29.50 -8.30 6.86
N ILE B 155 -29.86 -9.03 5.82
CA ILE B 155 -28.98 -10.05 5.29
C ILE B 155 -29.00 -9.86 3.78
N ILE B 156 -27.81 -9.88 3.16
CA ILE B 156 -27.69 -9.70 1.72
C ILE B 156 -27.28 -10.99 1.03
N ASP B 157 -27.80 -11.21 -0.17
CA ASP B 157 -27.42 -12.41 -0.94
C ASP B 157 -26.03 -12.09 -1.46
N ILE B 158 -25.07 -12.90 -1.04
CA ILE B 158 -23.68 -12.66 -1.42
C ILE B 158 -23.40 -12.65 -2.92
N ASN B 159 -24.31 -13.22 -3.71
CA ASN B 159 -24.10 -13.23 -5.15
C ASN B 159 -24.96 -12.23 -5.93
N THR B 160 -26.20 -11.99 -5.48
CA THR B 160 -27.09 -11.06 -6.19
C THR B 160 -27.18 -9.64 -5.65
N GLY B 161 -26.93 -9.46 -4.36
CA GLY B 161 -26.98 -8.13 -3.79
C GLY B 161 -28.36 -7.81 -3.24
N ARG B 162 -29.30 -8.75 -3.32
CA ARG B 162 -30.65 -8.54 -2.83
C ARG B 162 -30.66 -8.54 -1.31
N LEU B 163 -31.25 -7.50 -0.73
CA LEU B 163 -31.35 -7.38 0.73
C LEU B 163 -32.66 -7.96 1.27
N LYS B 164 -32.58 -8.61 2.42
CA LYS B 164 -33.75 -9.16 3.08
C LYS B 164 -33.77 -8.59 4.49
N PRO B 165 -34.84 -7.84 4.85
CA PRO B 165 -34.85 -7.29 6.21
C PRO B 165 -35.14 -8.36 7.25
N LEU B 166 -34.42 -8.31 8.37
CA LEU B 166 -34.60 -9.26 9.45
C LEU B 166 -35.23 -8.49 10.61
N TYR B 167 -34.81 -7.24 10.77
CA TYR B 167 -35.35 -6.40 11.82
C TYR B 167 -35.15 -4.93 11.51
N LEU B 168 -36.26 -4.19 11.43
CA LEU B 168 -36.23 -2.76 11.16
C LEU B 168 -36.69 -2.02 12.41
N ASP B 169 -35.84 -1.14 12.94
CA ASP B 169 -36.12 -0.40 14.16
C ASP B 169 -37.15 0.73 14.07
N GLU B 170 -37.78 1.00 15.21
CA GLU B 170 -38.82 2.04 15.42
C GLU B 170 -39.99 2.09 14.46
N ILE C 2 19.81 -61.14 -7.61
CA ILE C 2 19.16 -60.26 -8.63
C ILE C 2 19.33 -58.77 -8.29
N ILE C 3 19.77 -58.45 -7.08
CA ILE C 3 19.93 -57.05 -6.66
C ILE C 3 20.74 -56.20 -7.66
N LYS C 4 21.85 -56.73 -8.15
CA LYS C 4 22.67 -55.98 -9.09
C LYS C 4 21.86 -55.51 -10.30
N ASP C 5 21.03 -56.39 -10.84
CA ASP C 5 20.21 -56.04 -11.99
C ASP C 5 19.15 -55.00 -11.61
N ILE C 6 18.58 -55.12 -10.42
CA ILE C 6 17.58 -54.15 -9.97
C ILE C 6 18.22 -52.76 -9.91
N LEU C 7 19.42 -52.68 -9.34
CA LEU C 7 20.10 -51.38 -9.23
C LEU C 7 20.47 -50.83 -10.61
N ARG C 8 20.86 -51.72 -11.49
CA ARG C 8 21.23 -51.36 -12.86
C ARG C 8 20.04 -50.69 -13.53
N GLU C 9 18.90 -51.38 -13.53
CA GLU C 9 17.69 -50.84 -14.14
C GLU C 9 17.20 -49.56 -13.48
N ASN C 10 17.34 -49.47 -12.16
CA ASN C 10 16.88 -48.29 -11.43
C ASN C 10 17.63 -47.06 -11.86
N GLN C 11 18.89 -47.22 -12.27
CA GLN C 11 19.67 -46.07 -12.71
C GLN C 11 19.01 -45.36 -13.88
N ASP C 12 18.29 -46.10 -14.71
CA ASP C 12 17.63 -45.50 -15.85
C ASP C 12 16.16 -45.16 -15.56
N PHE C 13 15.69 -45.46 -14.35
CA PHE C 13 14.30 -45.19 -13.99
C PHE C 13 14.02 -43.72 -13.80
N ARG C 14 12.99 -43.22 -14.48
CA ARG C 14 12.62 -41.82 -14.36
C ARG C 14 11.13 -41.62 -14.08
N PHE C 15 10.83 -41.11 -12.88
CA PHE C 15 9.47 -40.81 -12.46
C PHE C 15 9.24 -39.34 -12.86
N ARG C 16 8.87 -39.11 -14.11
CA ARG C 16 8.62 -37.75 -14.58
C ARG C 16 7.21 -37.33 -14.17
N ASP C 17 6.22 -38.18 -14.44
CA ASP C 17 4.84 -37.89 -14.07
C ASP C 17 4.00 -39.16 -13.99
N LEU C 18 2.68 -39.00 -13.91
CA LEU C 18 1.82 -40.15 -13.76
C LEU C 18 1.94 -41.18 -14.86
N SER C 19 2.50 -40.80 -16.01
CA SER C 19 2.66 -41.75 -17.11
C SER C 19 3.66 -42.84 -16.76
N ASP C 20 4.47 -42.60 -15.74
CA ASP C 20 5.50 -43.55 -15.32
C ASP C 20 5.01 -44.57 -14.30
N LEU C 21 3.76 -44.40 -13.86
CA LEU C 21 3.17 -45.31 -12.90
C LEU C 21 2.18 -46.19 -13.66
N LYS C 22 1.83 -47.32 -13.06
CA LYS C 22 0.94 -48.22 -13.74
C LYS C 22 -0.54 -47.96 -13.44
N HIS C 23 -0.84 -47.52 -12.23
CA HIS C 23 -2.23 -47.35 -11.80
C HIS C 23 -2.82 -45.94 -11.76
N SER C 24 -2.04 -44.92 -12.04
CA SER C 24 -2.60 -43.59 -12.02
C SER C 24 -3.31 -43.32 -13.34
N PRO C 25 -4.22 -42.35 -13.35
CA PRO C 25 -4.93 -42.02 -14.61
C PRO C 25 -3.93 -41.38 -15.56
N LYS C 26 -4.08 -41.65 -16.85
CA LYS C 26 -3.22 -41.08 -17.88
C LYS C 26 -4.18 -40.19 -18.67
N LEU C 27 -4.22 -38.93 -18.25
CA LEU C 27 -5.14 -37.92 -18.77
C LEU C 27 -4.60 -36.85 -19.72
N CYS C 28 -5.40 -36.49 -20.72
CA CYS C 28 -5.03 -35.41 -21.61
C CYS C 28 -6.23 -34.47 -21.63
N ILE C 29 -5.96 -33.19 -21.37
CA ILE C 29 -7.00 -32.18 -21.35
C ILE C 29 -6.86 -31.26 -22.57
N ILE C 30 -7.97 -31.06 -23.27
CA ILE C 30 -7.98 -30.18 -24.44
C ILE C 30 -8.92 -29.01 -24.08
N THR C 31 -8.37 -27.81 -24.03
CA THR C 31 -9.18 -26.67 -23.67
C THR C 31 -8.79 -25.40 -24.41
N CYS C 32 -9.34 -24.26 -23.99
CA CYS C 32 -9.07 -22.97 -24.64
C CYS C 32 -7.91 -22.19 -24.03
N MET C 33 -7.36 -21.26 -24.80
CA MET C 33 -6.24 -20.41 -24.36
C MET C 33 -6.70 -19.25 -23.49
N ASP C 34 -8.00 -19.17 -23.24
CA ASP C 34 -8.60 -18.10 -22.43
C ASP C 34 -7.88 -17.93 -21.09
N SER C 35 -7.51 -16.70 -20.76
CA SER C 35 -6.77 -16.43 -19.53
C SER C 35 -7.53 -16.70 -18.25
N ARG C 36 -8.86 -16.80 -18.33
CA ARG C 36 -9.65 -17.06 -17.13
C ARG C 36 -9.62 -18.52 -16.69
N LEU C 37 -9.09 -19.39 -17.55
CA LEU C 37 -8.98 -20.81 -17.25
C LEU C 37 -7.70 -21.12 -16.45
N ILE C 38 -6.71 -20.23 -16.53
CA ILE C 38 -5.45 -20.40 -15.79
C ILE C 38 -5.80 -20.48 -14.30
N ASP C 39 -5.27 -21.50 -13.62
CA ASP C 39 -5.49 -21.71 -12.17
C ASP C 39 -6.88 -22.30 -11.87
N LEU C 40 -7.93 -21.63 -12.31
CA LEU C 40 -9.30 -22.08 -12.10
C LEU C 40 -9.62 -23.50 -12.64
N LEU C 41 -9.23 -23.77 -13.87
CA LEU C 41 -9.49 -25.08 -14.46
C LEU C 41 -8.80 -26.19 -13.67
N GLU C 42 -7.54 -25.95 -13.30
CA GLU C 42 -6.78 -26.93 -12.51
C GLU C 42 -7.49 -27.25 -11.21
N ARG C 43 -7.87 -26.20 -10.47
CA ARG C 43 -8.56 -26.38 -9.21
C ARG C 43 -9.97 -26.99 -9.40
N ALA C 44 -10.58 -26.71 -10.54
CA ALA C 44 -11.92 -27.22 -10.81
C ALA C 44 -11.90 -28.70 -11.19
N LEU C 45 -10.77 -29.16 -11.73
CA LEU C 45 -10.62 -30.56 -12.12
C LEU C 45 -9.90 -31.35 -11.03
N GLY C 46 -9.42 -30.66 -10.01
CA GLY C 46 -8.70 -31.32 -8.93
C GLY C 46 -7.34 -31.78 -9.44
N ILE C 47 -6.78 -31.02 -10.38
CA ILE C 47 -5.50 -31.34 -11.01
C ILE C 47 -4.31 -30.51 -10.50
N GLY C 48 -3.13 -31.13 -10.51
CA GLY C 48 -1.93 -30.46 -10.08
C GLY C 48 -0.77 -30.86 -10.98
N ARG C 49 0.42 -30.39 -10.63
CA ARG C 49 1.61 -30.67 -11.40
C ARG C 49 1.77 -32.17 -11.61
N GLY C 50 2.01 -32.56 -12.86
CA GLY C 50 2.17 -33.96 -13.20
C GLY C 50 0.89 -34.77 -13.45
N ASP C 51 -0.28 -34.18 -13.18
CA ASP C 51 -1.55 -34.90 -13.35
C ASP C 51 -2.18 -35.04 -14.73
N ALA C 52 -1.78 -34.21 -15.69
CA ALA C 52 -2.38 -34.30 -17.01
C ALA C 52 -1.59 -33.59 -18.09
N LYS C 53 -1.74 -34.05 -19.33
CA LYS C 53 -1.07 -33.41 -20.46
C LYS C 53 -2.12 -32.37 -20.87
N VAL C 54 -1.69 -31.14 -21.14
CA VAL C 54 -2.64 -30.09 -21.48
C VAL C 54 -2.42 -29.45 -22.84
N ILE C 55 -3.45 -29.50 -23.68
CA ILE C 55 -3.42 -28.91 -25.01
C ILE C 55 -4.37 -27.72 -25.00
N LYS C 56 -3.89 -26.57 -25.49
CA LYS C 56 -4.70 -25.35 -25.50
C LYS C 56 -4.58 -24.59 -26.81
N ASN C 57 -5.71 -24.10 -27.33
CA ASN C 57 -5.71 -23.30 -28.55
C ASN C 57 -6.94 -22.38 -28.53
N ALA C 58 -7.07 -21.52 -29.53
CA ALA C 58 -8.19 -20.59 -29.58
C ALA C 58 -9.53 -21.32 -29.71
N GLY C 59 -10.32 -21.32 -28.64
CA GLY C 59 -11.61 -21.96 -28.64
C GLY C 59 -11.67 -23.49 -28.53
N ASN C 60 -10.57 -24.10 -28.11
CA ASN C 60 -10.50 -25.55 -27.99
C ASN C 60 -11.13 -26.27 -29.20
N ILE C 61 -10.66 -25.88 -30.38
CA ILE C 61 -11.14 -26.44 -31.65
C ILE C 61 -10.23 -27.60 -32.06
N VAL C 62 -10.80 -28.79 -32.20
CA VAL C 62 -10.03 -29.94 -32.59
C VAL C 62 -9.67 -29.89 -34.07
N ASP C 63 -8.45 -29.47 -34.35
CA ASP C 63 -7.97 -29.41 -35.72
C ASP C 63 -6.89 -30.48 -35.78
N ASP C 64 -6.03 -30.43 -36.79
CA ASP C 64 -5.00 -31.45 -36.93
C ASP C 64 -3.82 -31.31 -35.96
N GLY C 65 -3.55 -30.09 -35.51
CA GLY C 65 -2.47 -29.89 -34.55
C GLY C 65 -2.87 -30.58 -33.26
N VAL C 66 -4.14 -30.41 -32.86
CA VAL C 66 -4.64 -31.02 -31.64
C VAL C 66 -4.59 -32.54 -31.69
N ILE C 67 -5.02 -33.10 -32.82
CA ILE C 67 -5.01 -34.56 -32.99
C ILE C 67 -3.59 -35.12 -32.90
N ARG C 68 -2.64 -34.43 -33.51
CA ARG C 68 -1.25 -34.88 -33.48
C ARG C 68 -0.67 -34.86 -32.05
N SER C 69 -0.99 -33.81 -31.29
CA SER C 69 -0.51 -33.71 -29.91
C SER C 69 -1.19 -34.75 -29.04
N ALA C 70 -2.48 -34.98 -29.28
CA ALA C 70 -3.21 -35.99 -28.53
C ALA C 70 -2.61 -37.36 -28.83
N ALA C 71 -2.27 -37.60 -30.09
CA ALA C 71 -1.66 -38.86 -30.52
C ALA C 71 -0.32 -39.06 -29.82
N VAL C 72 0.47 -37.99 -29.72
CA VAL C 72 1.74 -38.10 -29.02
C VAL C 72 1.46 -38.50 -27.57
N ALA C 73 0.44 -37.87 -26.99
CA ALA C 73 0.08 -38.15 -25.61
C ALA C 73 -0.32 -39.61 -25.41
N ILE C 74 -1.09 -40.15 -26.36
CA ILE C 74 -1.54 -41.52 -26.28
C ILE C 74 -0.43 -42.54 -26.48
N TYR C 75 0.33 -42.40 -27.56
CA TYR C 75 1.36 -43.38 -27.87
C TYR C 75 2.69 -43.25 -27.14
N ALA C 76 3.08 -42.04 -26.80
CA ALA C 76 4.34 -41.84 -26.11
C ALA C 76 4.18 -41.78 -24.60
N LEU C 77 3.04 -41.28 -24.12
CA LEU C 77 2.86 -41.14 -22.69
C LEU C 77 1.79 -42.03 -22.07
N GLY C 78 1.30 -42.98 -22.86
CA GLY C 78 0.28 -43.89 -22.34
C GLY C 78 -1.09 -43.30 -22.04
N ASP C 79 -1.39 -42.11 -22.55
CA ASP C 79 -2.70 -41.52 -22.28
C ASP C 79 -3.84 -42.40 -22.79
N ASN C 80 -4.85 -42.62 -21.95
CA ASN C 80 -5.97 -43.45 -22.37
C ASN C 80 -7.30 -42.77 -22.15
N GLU C 81 -7.26 -41.52 -21.72
CA GLU C 81 -8.47 -40.74 -21.49
C GLU C 81 -8.25 -39.29 -21.90
N ILE C 82 -9.13 -38.80 -22.77
CA ILE C 82 -9.04 -37.43 -23.24
C ILE C 82 -10.30 -36.67 -22.86
N ILE C 83 -10.14 -35.45 -22.38
CA ILE C 83 -11.29 -34.64 -22.00
C ILE C 83 -11.20 -33.27 -22.64
N ILE C 84 -12.21 -32.96 -23.46
CA ILE C 84 -12.28 -31.66 -24.09
C ILE C 84 -13.09 -30.83 -23.10
N VAL C 85 -12.55 -29.69 -22.70
CA VAL C 85 -13.26 -28.80 -21.78
C VAL C 85 -13.48 -27.42 -22.43
N GLY C 86 -14.72 -27.16 -22.87
CA GLY C 86 -15.01 -25.87 -23.44
C GLY C 86 -15.36 -25.03 -22.24
N HIS C 87 -15.69 -23.76 -22.45
CA HIS C 87 -16.05 -22.87 -21.36
C HIS C 87 -17.06 -21.81 -21.82
N THR C 88 -17.87 -21.34 -20.88
CA THR C 88 -18.86 -20.33 -21.19
C THR C 88 -18.17 -19.01 -21.50
N ASP C 89 -18.84 -18.18 -22.29
CA ASP C 89 -18.32 -16.88 -22.67
C ASP C 89 -16.97 -16.97 -23.40
N CYS C 90 -16.90 -17.82 -24.41
CA CYS C 90 -15.67 -17.99 -25.20
C CYS C 90 -15.73 -17.05 -26.40
N GLY C 91 -14.69 -16.24 -26.57
CA GLY C 91 -14.63 -15.30 -27.67
C GLY C 91 -14.80 -15.88 -29.07
N MET C 92 -14.38 -17.14 -29.26
CA MET C 92 -14.50 -17.78 -30.57
C MET C 92 -15.93 -18.01 -30.99
N ALA C 93 -16.86 -17.89 -30.05
CA ALA C 93 -18.27 -18.10 -30.33
C ALA C 93 -19.00 -16.83 -30.71
N ARG C 94 -18.28 -15.71 -30.70
CA ARG C 94 -18.89 -14.43 -31.05
C ARG C 94 -17.87 -13.43 -31.59
N LEU C 95 -17.07 -13.86 -32.56
CA LEU C 95 -16.07 -12.99 -33.14
C LEU C 95 -16.71 -11.92 -34.02
N ASP C 96 -16.07 -10.76 -34.10
CA ASP C 96 -16.55 -9.67 -34.93
C ASP C 96 -15.71 -9.74 -36.19
N GLU C 97 -16.11 -10.62 -37.09
CA GLU C 97 -15.40 -10.84 -38.35
C GLU C 97 -15.03 -9.55 -39.06
N ASP C 98 -15.97 -8.61 -39.14
CA ASP C 98 -15.72 -7.33 -39.78
C ASP C 98 -14.63 -6.53 -39.08
N LEU C 99 -14.72 -6.45 -37.76
CA LEU C 99 -13.74 -5.70 -36.97
C LEU C 99 -12.36 -6.32 -37.15
N ILE C 100 -12.32 -7.65 -37.19
CA ILE C 100 -11.07 -8.39 -37.35
C ILE C 100 -10.47 -8.16 -38.73
N VAL C 101 -11.25 -8.39 -39.77
CA VAL C 101 -10.78 -8.21 -41.14
C VAL C 101 -10.36 -6.77 -41.38
N SER C 102 -10.95 -5.84 -40.63
CA SER C 102 -10.64 -4.42 -40.77
C SER C 102 -9.29 -4.10 -40.15
N ARG C 103 -8.96 -4.77 -39.06
CA ARG C 103 -7.70 -4.56 -38.37
C ARG C 103 -6.55 -5.19 -39.16
N MET C 104 -6.87 -6.22 -39.92
CA MET C 104 -5.87 -6.90 -40.75
C MET C 104 -5.60 -6.06 -41.98
N ARG C 105 -6.59 -5.27 -42.38
CA ARG C 105 -6.46 -4.39 -43.53
C ARG C 105 -5.76 -3.11 -43.11
N GLU C 106 -6.05 -2.64 -41.89
CA GLU C 106 -5.42 -1.44 -41.38
C GLU C 106 -3.92 -1.73 -41.39
N LEU C 107 -3.58 -3.00 -41.17
CA LEU C 107 -2.19 -3.43 -41.17
C LEU C 107 -1.86 -3.97 -42.57
N GLY C 108 -0.61 -4.30 -42.81
CA GLY C 108 -0.20 -4.79 -44.11
C GLY C 108 -0.92 -6.02 -44.65
N VAL C 109 -1.17 -7.00 -43.79
CA VAL C 109 -1.83 -8.25 -44.17
C VAL C 109 -2.68 -8.15 -45.44
N GLU C 110 -2.18 -8.73 -46.52
CA GLU C 110 -2.88 -8.70 -47.81
C GLU C 110 -4.06 -9.67 -47.91
N GLU C 111 -5.02 -9.31 -48.76
CA GLU C 111 -6.25 -10.06 -48.98
C GLU C 111 -6.19 -11.59 -49.10
N GLU C 112 -5.20 -12.11 -49.81
CA GLU C 112 -5.09 -13.56 -49.98
C GLU C 112 -4.97 -14.25 -48.63
N VAL C 113 -4.30 -13.57 -47.69
CA VAL C 113 -4.12 -14.11 -46.36
C VAL C 113 -5.42 -13.99 -45.57
N ILE C 114 -5.99 -12.78 -45.57
CA ILE C 114 -7.24 -12.53 -44.86
C ILE C 114 -8.29 -13.56 -45.23
N GLU C 115 -8.41 -13.82 -46.52
CA GLU C 115 -9.37 -14.78 -47.05
C GLU C 115 -9.22 -16.14 -46.38
N ASN C 116 -8.01 -16.70 -46.41
CA ASN C 116 -7.76 -18.00 -45.81
C ASN C 116 -8.07 -17.98 -44.31
N PHE C 117 -7.52 -16.99 -43.61
CA PHE C 117 -7.74 -16.87 -42.18
C PHE C 117 -9.23 -16.78 -41.92
N SER C 118 -9.91 -15.97 -42.72
CA SER C 118 -11.35 -15.76 -42.60
C SER C 118 -12.20 -16.99 -42.89
N ILE C 119 -11.57 -18.10 -43.27
CA ILE C 119 -12.33 -19.32 -43.55
C ILE C 119 -11.90 -20.42 -42.59
N ASP C 120 -10.65 -20.38 -42.16
CA ASP C 120 -10.13 -21.37 -41.21
C ASP C 120 -10.59 -20.98 -39.81
N VAL C 121 -10.42 -19.71 -39.50
CA VAL C 121 -10.78 -19.17 -38.19
C VAL C 121 -12.15 -18.52 -38.18
N LEU C 122 -12.42 -17.70 -39.20
CA LEU C 122 -13.71 -17.01 -39.32
C LEU C 122 -14.64 -17.81 -40.22
N ASN C 123 -15.94 -17.77 -39.87
CA ASN C 123 -17.00 -18.46 -40.60
C ASN C 123 -17.47 -19.77 -39.95
N PRO C 124 -16.52 -20.64 -39.54
CA PRO C 124 -16.93 -21.91 -38.92
C PRO C 124 -17.82 -21.70 -37.70
N VAL C 125 -19.13 -21.77 -37.93
CA VAL C 125 -20.10 -21.60 -36.86
C VAL C 125 -19.86 -22.65 -35.79
N GLY C 126 -20.65 -22.58 -34.73
CA GLY C 126 -20.52 -23.53 -33.65
C GLY C 126 -20.39 -22.76 -32.34
N ASP C 127 -21.37 -22.92 -31.47
CA ASP C 127 -21.31 -22.24 -30.18
C ASP C 127 -20.48 -23.13 -29.25
N GLU C 128 -20.33 -22.74 -27.99
CA GLU C 128 -19.51 -23.50 -27.02
C GLU C 128 -19.81 -24.98 -26.85
N GLU C 129 -21.03 -25.31 -26.42
CA GLU C 129 -21.39 -26.71 -26.21
C GLU C 129 -21.32 -27.54 -27.48
N GLU C 130 -21.71 -26.95 -28.60
CA GLU C 130 -21.69 -27.64 -29.88
C GLU C 130 -20.27 -27.87 -30.35
N ASN C 131 -19.39 -26.90 -30.09
CA ASN C 131 -17.99 -27.05 -30.48
C ASN C 131 -17.35 -28.21 -29.73
N VAL C 132 -17.70 -28.37 -28.46
CA VAL C 132 -17.15 -29.46 -27.66
C VAL C 132 -17.58 -30.79 -28.28
N ILE C 133 -18.88 -30.91 -28.57
CA ILE C 133 -19.40 -32.12 -29.17
C ILE C 133 -18.74 -32.39 -30.52
N GLU C 134 -18.53 -31.35 -31.32
CA GLU C 134 -17.89 -31.54 -32.62
C GLU C 134 -16.45 -32.02 -32.42
N GLY C 135 -15.81 -31.56 -31.35
CA GLY C 135 -14.45 -31.98 -31.07
C GLY C 135 -14.42 -33.45 -30.69
N VAL C 136 -15.36 -33.87 -29.86
CA VAL C 136 -15.43 -35.26 -29.44
C VAL C 136 -15.53 -36.13 -30.68
N LYS C 137 -16.43 -35.74 -31.58
CA LYS C 137 -16.63 -36.49 -32.82
C LYS C 137 -15.41 -36.48 -33.73
N ARG C 138 -14.72 -35.34 -33.81
CA ARG C 138 -13.53 -35.28 -34.65
C ARG C 138 -12.46 -36.22 -34.11
N LEU C 139 -12.35 -36.29 -32.79
CA LEU C 139 -11.36 -37.15 -32.14
C LEU C 139 -11.73 -38.63 -32.30
N LYS C 140 -12.97 -38.96 -31.99
CA LYS C 140 -13.43 -40.34 -32.09
C LYS C 140 -13.39 -40.91 -33.50
N SER C 141 -13.54 -40.05 -34.51
CA SER C 141 -13.53 -40.49 -35.90
C SER C 141 -12.13 -40.50 -36.53
N SER C 142 -11.12 -40.08 -35.78
CA SER C 142 -9.77 -40.07 -36.32
C SER C 142 -9.13 -41.44 -36.22
N PRO C 143 -8.51 -41.90 -37.31
CA PRO C 143 -7.86 -43.21 -37.35
C PRO C 143 -6.63 -43.22 -36.44
N LEU C 144 -6.25 -42.04 -35.93
CA LEU C 144 -5.11 -41.91 -35.04
C LEU C 144 -5.52 -42.10 -33.59
N ILE C 145 -6.83 -42.09 -33.33
CA ILE C 145 -7.35 -42.23 -31.97
C ILE C 145 -8.12 -43.55 -31.78
N PRO C 146 -7.52 -44.52 -31.08
CA PRO C 146 -8.14 -45.83 -30.81
C PRO C 146 -9.47 -45.73 -30.06
N GLU C 147 -10.42 -46.60 -30.40
CA GLU C 147 -11.71 -46.57 -29.72
C GLU C 147 -11.49 -46.99 -28.28
N SER C 148 -10.35 -47.58 -27.96
CA SER C 148 -10.14 -47.95 -26.58
C SER C 148 -9.82 -46.70 -25.74
N ILE C 149 -9.58 -45.57 -26.41
CA ILE C 149 -9.29 -44.30 -25.72
C ILE C 149 -10.60 -43.58 -25.38
N GLY C 150 -10.78 -43.26 -24.11
CA GLY C 150 -12.00 -42.56 -23.71
C GLY C 150 -11.95 -41.08 -24.11
N VAL C 151 -13.01 -40.60 -24.76
CA VAL C 151 -13.07 -39.21 -25.19
C VAL C 151 -14.35 -38.56 -24.65
N HIS C 152 -14.15 -37.65 -23.69
CA HIS C 152 -15.23 -36.96 -23.01
C HIS C 152 -15.35 -35.50 -23.39
N GLY C 153 -16.54 -34.94 -23.19
CA GLY C 153 -16.77 -33.54 -23.52
C GLY C 153 -17.47 -32.82 -22.38
N LEU C 154 -16.86 -31.74 -21.87
CA LEU C 154 -17.44 -30.96 -20.78
C LEU C 154 -17.36 -29.48 -21.11
N ILE C 155 -18.07 -28.69 -20.31
CA ILE C 155 -18.00 -27.26 -20.47
C ILE C 155 -17.97 -26.71 -19.05
N ILE C 156 -17.09 -25.75 -18.81
CA ILE C 156 -16.96 -25.18 -17.47
C ILE C 156 -17.47 -23.73 -17.43
N ASP C 157 -18.17 -23.39 -16.35
CA ASP C 157 -18.65 -22.03 -16.18
C ASP C 157 -17.38 -21.21 -15.90
N ILE C 158 -17.02 -20.35 -16.83
CA ILE C 158 -15.80 -19.56 -16.69
C ILE C 158 -15.70 -18.70 -15.43
N ASN C 159 -16.84 -18.42 -14.80
CA ASN C 159 -16.85 -17.60 -13.59
C ASN C 159 -16.93 -18.40 -12.29
N THR C 160 -17.56 -19.58 -12.32
CA THR C 160 -17.71 -20.36 -11.10
C THR C 160 -16.88 -21.66 -11.06
N GLY C 161 -16.42 -22.11 -12.21
CA GLY C 161 -15.65 -23.34 -12.26
C GLY C 161 -16.53 -24.58 -12.22
N ARG C 162 -17.83 -24.41 -12.34
CA ARG C 162 -18.73 -25.56 -12.30
C ARG C 162 -18.70 -26.31 -13.63
N LEU C 163 -18.52 -27.62 -13.56
CA LEU C 163 -18.47 -28.47 -14.75
C LEU C 163 -19.83 -29.06 -15.17
N LYS C 164 -20.10 -29.03 -16.46
CA LYS C 164 -21.33 -29.59 -16.98
C LYS C 164 -20.97 -30.62 -18.04
N PRO C 165 -21.32 -31.89 -17.81
CA PRO C 165 -20.99 -32.92 -18.81
C PRO C 165 -21.83 -32.79 -20.09
N LEU C 166 -21.17 -32.85 -21.24
CA LEU C 166 -21.85 -32.76 -22.52
C LEU C 166 -21.85 -34.14 -23.19
N TYR C 167 -20.83 -34.94 -22.89
CA TYR C 167 -20.74 -36.28 -23.42
C TYR C 167 -19.76 -37.14 -22.64
N LEU C 168 -20.28 -38.20 -22.02
CA LEU C 168 -19.46 -39.11 -21.24
C LEU C 168 -19.34 -40.46 -21.96
N ASP C 169 -18.11 -40.86 -22.24
CA ASP C 169 -17.82 -42.13 -22.92
C ASP C 169 -17.66 -43.18 -21.81
N GLU C 170 -16.93 -44.25 -22.10
CA GLU C 170 -16.65 -45.30 -21.11
C GLU C 170 -17.86 -45.95 -20.43
N ILE D 2 6.46 -6.91 -20.77
CA ILE D 2 6.21 -7.86 -19.66
C ILE D 2 7.41 -8.80 -19.48
N ILE D 3 8.01 -9.21 -20.59
CA ILE D 3 9.14 -10.12 -20.59
C ILE D 3 10.22 -9.79 -19.57
N LYS D 4 10.67 -8.53 -19.56
CA LYS D 4 11.70 -8.13 -18.62
C LYS D 4 11.21 -8.15 -17.17
N ASP D 5 9.91 -7.94 -16.98
CA ASP D 5 9.36 -7.98 -15.63
C ASP D 5 9.32 -9.43 -15.19
N ILE D 6 9.16 -10.32 -16.17
CA ILE D 6 9.12 -11.75 -15.92
C ILE D 6 10.51 -12.29 -15.64
N LEU D 7 11.49 -11.82 -16.43
CA LEU D 7 12.87 -12.25 -16.25
C LEU D 7 13.41 -11.83 -14.88
N ARG D 8 12.98 -10.66 -14.41
CA ARG D 8 13.40 -10.15 -13.11
C ARG D 8 12.64 -10.89 -12.01
N GLU D 9 11.35 -11.06 -12.24
CA GLU D 9 10.46 -11.72 -11.29
C GLU D 9 10.89 -13.17 -11.06
N ASN D 10 11.43 -13.79 -12.11
CA ASN D 10 11.88 -15.18 -12.01
C ASN D 10 13.23 -15.24 -11.29
N GLN D 11 13.96 -14.14 -11.30
CA GLN D 11 15.25 -14.09 -10.62
C GLN D 11 14.94 -13.93 -9.13
N ASP D 12 14.47 -12.74 -8.78
CA ASP D 12 14.12 -12.40 -7.40
C ASP D 12 12.81 -13.07 -6.99
N SER D 24 -8.54 -8.88 -22.82
CA SER D 24 -7.98 -8.26 -21.58
C SER D 24 -6.44 -8.34 -21.48
N PRO D 25 -5.85 -9.53 -21.26
CA PRO D 25 -4.39 -9.62 -21.16
C PRO D 25 -3.70 -9.29 -22.48
N LYS D 26 -2.53 -8.67 -22.40
CA LYS D 26 -1.79 -8.31 -23.61
C LYS D 26 -0.74 -9.35 -23.99
N LEU D 27 -0.52 -10.30 -23.08
CA LEU D 27 0.49 -11.35 -23.26
C LEU D 27 -0.09 -12.67 -23.75
N CYS D 28 0.66 -13.34 -24.60
CA CYS D 28 0.29 -14.67 -25.09
C CYS D 28 1.52 -15.55 -24.86
N ILE D 29 1.31 -16.68 -24.19
CA ILE D 29 2.39 -17.63 -23.92
C ILE D 29 2.17 -18.87 -24.77
N ILE D 30 3.25 -19.37 -25.39
CA ILE D 30 3.19 -20.58 -26.19
C ILE D 30 4.13 -21.55 -25.52
N THR D 31 3.61 -22.69 -25.07
CA THR D 31 4.47 -23.65 -24.36
C THR D 31 4.07 -25.10 -24.63
N CYS D 32 4.66 -26.03 -23.88
CA CYS D 32 4.40 -27.46 -24.07
C CYS D 32 3.28 -28.03 -23.20
N MET D 33 2.70 -29.14 -23.67
CA MET D 33 1.62 -29.82 -22.96
C MET D 33 2.13 -30.66 -21.78
N ASP D 34 3.46 -30.69 -21.59
CA ASP D 34 4.10 -31.44 -20.52
C ASP D 34 3.40 -31.18 -19.17
N SER D 35 2.98 -32.25 -18.50
CA SER D 35 2.28 -32.11 -17.21
C SER D 35 3.11 -31.42 -16.11
N ARG D 36 4.43 -31.48 -16.22
CA ARG D 36 5.27 -30.87 -15.18
C ARG D 36 5.27 -29.34 -15.23
N LEU D 37 4.68 -28.77 -16.29
CA LEU D 37 4.59 -27.32 -16.42
C LEU D 37 3.37 -26.78 -15.66
N ILE D 38 2.42 -27.66 -15.37
CA ILE D 38 1.23 -27.24 -14.63
C ILE D 38 1.68 -26.71 -13.25
N ASP D 39 1.18 -25.53 -12.90
CA ASP D 39 1.50 -24.81 -11.66
C ASP D 39 2.93 -24.27 -11.56
N LEU D 40 3.92 -25.06 -12.01
CA LEU D 40 5.32 -24.60 -11.97
C LEU D 40 5.51 -23.39 -12.88
N LEU D 41 4.96 -23.45 -14.08
CA LEU D 41 5.10 -22.36 -15.02
C LEU D 41 4.45 -21.08 -14.49
N GLU D 42 3.23 -21.18 -13.94
CA GLU D 42 2.56 -20.00 -13.40
C GLU D 42 3.42 -19.30 -12.34
N ARG D 43 3.95 -20.06 -11.40
CA ARG D 43 4.78 -19.49 -10.35
C ARG D 43 6.12 -18.96 -10.89
N ALA D 44 6.75 -19.70 -11.79
CA ALA D 44 8.03 -19.26 -12.35
C ALA D 44 7.94 -17.96 -13.14
N LEU D 45 6.82 -17.77 -13.83
CA LEU D 45 6.63 -16.59 -14.64
C LEU D 45 5.92 -15.46 -13.89
N GLY D 46 5.25 -15.82 -12.79
CA GLY D 46 4.50 -14.84 -12.02
C GLY D 46 3.20 -14.52 -12.73
N ILE D 47 2.59 -15.53 -13.34
CA ILE D 47 1.35 -15.33 -14.08
C ILE D 47 0.22 -16.17 -13.54
N GLY D 48 -0.87 -15.53 -13.16
CA GLY D 48 -2.01 -16.25 -12.63
C GLY D 48 -3.24 -16.05 -13.51
N ARG D 49 -4.40 -16.35 -12.94
CA ARG D 49 -5.66 -16.21 -13.66
C ARG D 49 -5.81 -14.82 -14.25
N GLY D 50 -6.06 -14.76 -15.55
CA GLY D 50 -6.26 -13.48 -16.22
C GLY D 50 -5.01 -12.77 -16.72
N ASP D 51 -3.82 -13.33 -16.50
CA ASP D 51 -2.59 -12.63 -16.92
C ASP D 51 -2.07 -12.91 -18.33
N ALA D 52 -2.66 -13.87 -19.03
CA ALA D 52 -2.21 -14.17 -20.39
C ALA D 52 -3.01 -15.26 -21.09
N LYS D 53 -2.93 -15.26 -22.42
CA LYS D 53 -3.58 -16.27 -23.24
C LYS D 53 -2.54 -17.39 -23.27
N VAL D 54 -2.97 -18.63 -23.21
CA VAL D 54 -2.01 -19.73 -23.21
C VAL D 54 -2.29 -20.79 -24.28
N ILE D 55 -1.31 -20.97 -25.16
CA ILE D 55 -1.39 -21.96 -26.23
C ILE D 55 -0.42 -23.09 -25.86
N LYS D 56 -0.90 -24.33 -25.91
CA LYS D 56 -0.07 -25.47 -25.54
C LYS D 56 -0.20 -26.64 -26.51
N ASN D 57 0.93 -27.21 -26.92
CA ASN D 57 0.92 -28.37 -27.80
C ASN D 57 2.14 -29.25 -27.54
N ALA D 58 2.22 -30.38 -28.24
CA ALA D 58 3.35 -31.29 -28.07
C ALA D 58 4.67 -30.65 -28.50
N GLY D 59 5.50 -30.30 -27.51
CA GLY D 59 6.80 -29.70 -27.78
C GLY D 59 6.82 -28.20 -28.07
N ASN D 60 5.76 -27.48 -27.74
CA ASN D 60 5.66 -26.03 -28.04
C ASN D 60 6.20 -25.73 -29.43
N ILE D 61 5.79 -26.56 -30.38
CA ILE D 61 6.19 -26.42 -31.77
C ILE D 61 5.24 -25.46 -32.45
N VAL D 62 5.76 -24.46 -33.16
CA VAL D 62 4.90 -23.51 -33.86
C VAL D 62 4.48 -24.02 -35.23
N ASP D 63 3.19 -24.31 -35.39
CA ASP D 63 2.67 -24.78 -36.67
C ASP D 63 1.52 -23.84 -37.08
N ASP D 64 0.83 -24.15 -38.18
CA ASP D 64 -0.27 -23.31 -38.64
C ASP D 64 -1.36 -23.09 -37.60
N GLY D 65 -1.66 -24.13 -36.84
CA GLY D 65 -2.69 -24.03 -35.81
C GLY D 65 -2.27 -23.04 -34.73
N VAL D 66 -1.02 -23.12 -34.30
CA VAL D 66 -0.52 -22.22 -33.27
C VAL D 66 -0.55 -20.78 -33.77
N ILE D 67 -0.11 -20.59 -35.01
CA ILE D 67 -0.08 -19.27 -35.63
C ILE D 67 -1.48 -18.67 -35.74
N ARG D 68 -2.45 -19.49 -36.11
CA ARG D 68 -3.83 -19.01 -36.24
C ARG D 68 -4.37 -18.60 -34.87
N SER D 69 -4.01 -19.35 -33.82
CA SER D 69 -4.48 -19.02 -32.49
C SER D 69 -3.84 -17.72 -32.02
N ALA D 70 -2.56 -17.55 -32.31
CA ALA D 70 -1.86 -16.34 -31.93
C ALA D 70 -2.47 -15.17 -32.72
N ALA D 71 -2.76 -15.40 -33.99
CA ALA D 71 -3.35 -14.36 -34.83
C ALA D 71 -4.68 -13.89 -34.22
N VAL D 72 -5.48 -14.83 -33.75
CA VAL D 72 -6.76 -14.53 -33.11
C VAL D 72 -6.52 -13.66 -31.86
N ALA D 73 -5.59 -14.09 -31.03
CA ALA D 73 -5.27 -13.36 -29.80
C ALA D 73 -4.88 -11.92 -30.12
N ILE D 74 -4.14 -11.75 -31.22
CA ILE D 74 -3.68 -10.45 -31.64
C ILE D 74 -4.79 -9.55 -32.22
N TYR D 75 -5.43 -10.00 -33.29
CA TYR D 75 -6.47 -9.20 -33.96
C TYR D 75 -7.83 -9.09 -33.27
N ALA D 76 -8.11 -9.92 -32.28
CA ALA D 76 -9.40 -9.84 -31.62
C ALA D 76 -9.29 -9.55 -30.12
N LEU D 77 -8.15 -9.86 -29.51
CA LEU D 77 -8.00 -9.64 -28.07
C LEU D 77 -6.89 -8.70 -27.64
N GLY D 78 -6.46 -7.82 -28.53
CA GLY D 78 -5.42 -6.86 -28.19
C GLY D 78 -4.17 -7.47 -27.60
N ASP D 79 -3.55 -8.34 -28.38
CA ASP D 79 -2.34 -9.03 -27.97
C ASP D 79 -1.15 -8.34 -28.61
N ASN D 80 -0.16 -7.96 -27.83
CA ASN D 80 1.01 -7.30 -28.42
C ASN D 80 2.33 -7.94 -28.04
N GLU D 81 2.27 -9.03 -27.29
CA GLU D 81 3.51 -9.68 -26.88
C GLU D 81 3.34 -11.20 -26.79
N ILE D 82 4.28 -11.93 -27.40
CA ILE D 82 4.26 -13.38 -27.40
C ILE D 82 5.56 -13.94 -26.85
N ILE D 83 5.45 -14.90 -25.93
CA ILE D 83 6.65 -15.51 -25.38
C ILE D 83 6.57 -17.01 -25.55
N ILE D 84 7.52 -17.59 -26.29
CA ILE D 84 7.56 -19.04 -26.45
C ILE D 84 8.43 -19.56 -25.31
N VAL D 85 7.87 -20.48 -24.53
CA VAL D 85 8.60 -21.07 -23.42
C VAL D 85 8.82 -22.56 -23.66
N GLY D 86 10.05 -22.93 -23.99
CA GLY D 86 10.34 -24.33 -24.18
C GLY D 86 10.80 -24.79 -22.80
N HIS D 87 11.15 -26.05 -22.66
CA HIS D 87 11.61 -26.55 -21.36
C HIS D 87 12.57 -27.69 -21.52
N THR D 88 13.45 -27.87 -20.53
CA THR D 88 14.41 -28.96 -20.56
C THR D 88 13.70 -30.30 -20.42
N ASP D 89 14.34 -31.35 -20.90
CA ASP D 89 13.80 -32.71 -20.82
C ASP D 89 12.41 -32.84 -21.43
N CYS D 90 12.24 -32.24 -22.62
CA CYS D 90 10.98 -32.30 -23.35
C CYS D 90 10.83 -33.62 -24.10
N GLY D 91 9.69 -34.27 -23.93
CA GLY D 91 9.44 -35.54 -24.60
C GLY D 91 9.67 -35.53 -26.11
N MET D 92 9.33 -34.44 -26.77
CA MET D 92 9.49 -34.37 -28.23
C MET D 92 10.95 -34.50 -28.69
N ALA D 93 11.88 -34.16 -27.81
CA ALA D 93 13.30 -34.26 -28.13
C ALA D 93 13.87 -35.65 -27.87
N ARG D 94 13.08 -36.53 -27.27
CA ARG D 94 13.54 -37.88 -26.96
C ARG D 94 12.51 -38.96 -27.26
N LEU D 95 11.82 -38.83 -28.39
CA LEU D 95 10.81 -39.80 -28.77
C LEU D 95 11.40 -41.21 -28.94
N ASP D 96 10.69 -42.21 -28.45
CA ASP D 96 11.09 -43.60 -28.56
C ASP D 96 10.26 -44.21 -29.68
N GLU D 97 10.67 -43.97 -30.92
CA GLU D 97 9.96 -44.45 -32.10
C GLU D 97 9.48 -45.89 -31.99
N ASP D 98 10.40 -46.79 -31.65
CA ASP D 98 10.06 -48.21 -31.53
C ASP D 98 8.90 -48.46 -30.57
N LEU D 99 8.97 -47.88 -29.38
CA LEU D 99 7.88 -48.07 -28.43
C LEU D 99 6.59 -47.49 -28.98
N ILE D 100 6.68 -46.29 -29.54
CA ILE D 100 5.51 -45.62 -30.10
C ILE D 100 4.84 -46.46 -31.17
N VAL D 101 5.60 -46.93 -32.15
CA VAL D 101 5.05 -47.77 -33.22
C VAL D 101 4.42 -49.02 -32.59
N SER D 102 5.07 -49.55 -31.55
CA SER D 102 4.57 -50.74 -30.86
C SER D 102 3.20 -50.46 -30.28
N ARG D 103 3.10 -49.39 -29.51
CA ARG D 103 1.84 -49.00 -28.89
C ARG D 103 0.76 -48.90 -29.96
N MET D 104 1.10 -48.25 -31.07
CA MET D 104 0.14 -48.06 -32.15
C MET D 104 -0.42 -49.36 -32.71
N ARG D 105 0.48 -50.27 -33.05
CA ARG D 105 0.08 -51.57 -33.62
C ARG D 105 -0.79 -52.32 -32.64
N GLU D 106 -0.31 -52.35 -31.41
CA GLU D 106 -0.98 -52.96 -30.25
C GLU D 106 -2.37 -52.45 -30.02
N LEU D 107 -2.60 -51.19 -30.38
CA LEU D 107 -3.92 -50.62 -30.21
C LEU D 107 -4.77 -50.79 -31.46
N GLY D 108 -4.24 -51.51 -32.45
CA GLY D 108 -4.99 -51.75 -33.67
C GLY D 108 -4.97 -50.70 -34.77
N VAL D 109 -4.10 -49.70 -34.64
CA VAL D 109 -4.02 -48.67 -35.68
C VAL D 109 -3.48 -49.29 -36.97
N GLU D 110 -4.19 -49.08 -38.07
CA GLU D 110 -3.78 -49.61 -39.38
C GLU D 110 -2.37 -49.14 -39.76
N GLU D 111 -1.65 -49.99 -40.49
CA GLU D 111 -0.28 -49.70 -40.91
C GLU D 111 -0.07 -48.40 -41.65
N GLU D 112 -0.98 -48.05 -42.55
CA GLU D 112 -0.83 -46.80 -43.31
C GLU D 112 -0.85 -45.59 -42.38
N VAL D 113 -1.78 -45.57 -41.44
CA VAL D 113 -1.86 -44.46 -40.50
C VAL D 113 -0.53 -44.37 -39.76
N ILE D 114 -0.03 -45.52 -39.34
CA ILE D 114 1.24 -45.57 -38.62
C ILE D 114 2.36 -45.00 -39.47
N GLU D 115 2.43 -45.40 -40.73
CA GLU D 115 3.48 -44.93 -41.63
C GLU D 115 3.47 -43.42 -41.79
N ASN D 116 2.28 -42.87 -42.05
CA ASN D 116 2.14 -41.43 -42.21
C ASN D 116 2.46 -40.65 -40.93
N PHE D 117 2.12 -41.23 -39.77
CA PHE D 117 2.38 -40.58 -38.48
C PHE D 117 3.88 -40.51 -38.17
N SER D 118 4.57 -41.61 -38.42
CA SER D 118 6.02 -41.69 -38.16
C SER D 118 6.77 -40.53 -38.83
N ILE D 119 6.55 -40.39 -40.13
CA ILE D 119 7.22 -39.35 -40.91
C ILE D 119 6.75 -37.94 -40.58
N ASP D 120 5.47 -37.80 -40.23
CA ASP D 120 4.93 -36.47 -39.91
C ASP D 120 5.18 -35.98 -38.49
N VAL D 121 5.40 -36.89 -37.54
CA VAL D 121 5.59 -36.47 -36.16
C VAL D 121 6.79 -37.06 -35.40
N LEU D 122 7.07 -38.33 -35.62
CA LEU D 122 8.16 -39.00 -34.92
C LEU D 122 9.57 -38.69 -35.41
N ASN D 123 9.73 -37.61 -36.15
CA ASN D 123 11.05 -37.26 -36.65
C ASN D 123 11.48 -35.84 -36.31
N PRO D 124 11.13 -35.36 -35.10
CA PRO D 124 11.53 -34.00 -34.73
C PRO D 124 13.01 -33.77 -35.02
N VAL D 125 13.35 -32.53 -35.34
CA VAL D 125 14.73 -32.19 -35.63
C VAL D 125 15.15 -31.07 -34.68
N GLY D 126 16.32 -31.22 -34.08
CA GLY D 126 16.81 -30.20 -33.16
C GLY D 126 16.39 -30.42 -31.72
N ASP D 127 17.09 -29.79 -30.80
CA ASP D 127 16.80 -29.89 -29.38
C ASP D 127 15.88 -28.76 -28.89
N GLU D 128 15.58 -28.75 -27.59
CA GLU D 128 14.68 -27.75 -27.03
C GLU D 128 14.98 -26.28 -27.32
N GLU D 129 16.24 -25.86 -27.24
CA GLU D 129 16.58 -24.47 -27.51
C GLU D 129 16.45 -24.12 -28.99
N GLU D 130 16.95 -24.97 -29.87
CA GLU D 130 16.83 -24.72 -31.30
C GLU D 130 15.37 -24.61 -31.69
N ASN D 131 14.55 -25.48 -31.09
CA ASN D 131 13.11 -25.48 -31.38
C ASN D 131 12.46 -24.15 -31.02
N VAL D 132 12.84 -23.58 -29.87
CA VAL D 132 12.29 -22.31 -29.44
C VAL D 132 12.63 -21.25 -30.48
N ILE D 133 13.93 -21.11 -30.76
CA ILE D 133 14.40 -20.14 -31.75
C ILE D 133 13.67 -20.33 -33.08
N GLU D 134 13.57 -21.57 -33.55
CA GLU D 134 12.87 -21.84 -34.81
C GLU D 134 11.45 -21.31 -34.72
N GLY D 135 10.81 -21.50 -33.57
CA GLY D 135 9.45 -21.05 -33.39
C GLY D 135 9.36 -19.53 -33.47
N VAL D 136 10.32 -18.85 -32.87
CA VAL D 136 10.36 -17.38 -32.89
C VAL D 136 10.44 -16.92 -34.34
N LYS D 137 11.36 -17.51 -35.10
CA LYS D 137 11.50 -17.16 -36.51
C LYS D 137 10.23 -17.43 -37.29
N ARG D 138 9.55 -18.54 -37.01
CA ARG D 138 8.30 -18.83 -37.73
C ARG D 138 7.23 -17.80 -37.45
N LEU D 139 7.12 -17.34 -36.20
CA LEU D 139 6.12 -16.34 -35.86
C LEU D 139 6.50 -15.01 -36.50
N LYS D 140 7.74 -14.58 -36.26
CA LYS D 140 8.24 -13.32 -36.79
C LYS D 140 8.09 -13.19 -38.30
N SER D 141 8.31 -14.28 -39.03
CA SER D 141 8.22 -14.25 -40.48
C SER D 141 6.83 -14.56 -41.03
N SER D 142 5.86 -14.75 -40.15
CA SER D 142 4.52 -15.05 -40.61
C SER D 142 3.75 -13.81 -41.03
N PRO D 143 3.02 -13.90 -42.16
CA PRO D 143 2.21 -12.80 -42.70
C PRO D 143 1.15 -12.36 -41.69
N LEU D 144 0.66 -13.32 -40.92
CA LEU D 144 -0.38 -13.06 -39.93
C LEU D 144 0.07 -12.38 -38.65
N ILE D 145 1.37 -12.30 -38.43
CA ILE D 145 1.87 -11.67 -37.22
C ILE D 145 2.46 -10.30 -37.53
N PRO D 146 1.84 -9.22 -37.01
CA PRO D 146 2.33 -7.86 -37.24
C PRO D 146 3.76 -7.68 -36.75
N GLU D 147 4.57 -6.96 -37.51
CA GLU D 147 5.96 -6.72 -37.15
C GLU D 147 6.10 -6.04 -35.78
N SER D 148 5.05 -5.35 -35.36
CA SER D 148 5.06 -4.63 -34.07
C SER D 148 4.86 -5.56 -32.88
N ILE D 149 4.48 -6.80 -33.14
CA ILE D 149 4.27 -7.78 -32.09
C ILE D 149 5.62 -8.24 -31.56
N GLY D 150 5.81 -8.15 -30.25
CA GLY D 150 7.08 -8.60 -29.69
C GLY D 150 7.03 -10.11 -29.53
N VAL D 151 8.05 -10.81 -30.05
CA VAL D 151 8.09 -12.27 -29.94
C VAL D 151 9.38 -12.74 -29.26
N HIS D 152 9.25 -13.23 -28.02
CA HIS D 152 10.39 -13.69 -27.24
C HIS D 152 10.52 -15.21 -27.14
N GLY D 153 11.72 -15.66 -26.76
CA GLY D 153 11.97 -17.07 -26.63
C GLY D 153 12.71 -17.35 -25.35
N LEU D 154 12.16 -18.24 -24.54
CA LEU D 154 12.75 -18.62 -23.25
C LEU D 154 12.75 -20.14 -23.13
N ILE D 155 13.55 -20.65 -22.21
CA ILE D 155 13.56 -22.08 -21.92
C ILE D 155 13.63 -22.19 -20.41
N ILE D 156 12.70 -22.95 -19.84
CA ILE D 156 12.67 -23.12 -18.40
C ILE D 156 13.19 -24.49 -17.98
N ASP D 157 13.82 -24.54 -16.80
CA ASP D 157 14.31 -25.81 -16.28
C ASP D 157 13.07 -26.49 -15.72
N ILE D 158 12.71 -27.63 -16.30
CA ILE D 158 11.48 -28.33 -15.92
C ILE D 158 11.39 -28.76 -14.47
N ASN D 159 12.52 -28.76 -13.76
CA ASN D 159 12.53 -29.14 -12.36
C ASN D 159 12.68 -27.98 -11.38
N THR D 160 13.40 -26.93 -11.76
CA THR D 160 13.61 -25.79 -10.86
C THR D 160 12.80 -24.55 -11.18
N GLY D 161 12.40 -24.39 -12.44
CA GLY D 161 11.63 -23.21 -12.81
C GLY D 161 12.49 -22.05 -13.23
N ARG D 162 13.80 -22.28 -13.25
CA ARG D 162 14.74 -21.23 -13.63
C ARG D 162 14.66 -20.97 -15.12
N LEU D 163 14.50 -19.69 -15.47
CA LEU D 163 14.32 -19.27 -16.86
C LEU D 163 15.67 -18.91 -17.49
N LYS D 164 15.82 -19.19 -18.77
CA LYS D 164 17.03 -18.85 -19.52
C LYS D 164 16.56 -18.21 -20.83
N PRO D 165 16.85 -16.92 -21.00
CA PRO D 165 16.42 -16.23 -22.22
C PRO D 165 17.17 -16.75 -23.42
N LEU D 166 16.46 -16.89 -24.54
CA LEU D 166 17.12 -17.37 -25.75
C LEU D 166 17.07 -16.26 -26.77
N TYR D 167 16.05 -15.42 -26.68
CA TYR D 167 15.89 -14.32 -27.59
C TYR D 167 14.88 -13.31 -27.07
N LEU D 168 15.36 -12.09 -26.89
CA LEU D 168 14.53 -11.00 -26.42
C LEU D 168 14.29 -10.07 -27.61
N ASP D 169 13.04 -9.66 -27.78
CA ASP D 169 12.66 -8.82 -28.89
C ASP D 169 12.52 -7.31 -28.65
N GLU D 170 12.78 -6.56 -29.71
CA GLU D 170 12.74 -5.09 -29.78
C GLU D 170 11.64 -4.36 -29.02
N ILE E 2 38.09 0.69 31.33
CA ILE E 2 38.89 1.21 32.46
C ILE E 2 39.08 2.74 32.34
N ILE E 3 39.65 3.36 33.38
CA ILE E 3 39.82 4.81 33.40
C ILE E 3 40.42 5.43 32.16
N LYS E 4 41.41 4.77 31.56
CA LYS E 4 42.06 5.30 30.35
C LYS E 4 41.02 5.56 29.26
N ASP E 5 40.09 4.63 29.09
CA ASP E 5 39.07 4.79 28.07
C ASP E 5 38.10 5.88 28.50
N ILE E 6 37.69 5.86 29.76
CA ILE E 6 36.78 6.87 30.27
C ILE E 6 37.38 8.26 30.06
N LEU E 7 38.63 8.45 30.46
CA LEU E 7 39.27 9.74 30.29
C LEU E 7 39.37 10.21 28.83
N ARG E 8 39.71 9.32 27.92
CA ARG E 8 39.82 9.69 26.50
C ARG E 8 38.49 10.18 25.97
N GLU E 9 37.44 9.41 26.20
CA GLU E 9 36.12 9.78 25.73
C GLU E 9 35.61 11.05 26.42
N ASN E 10 35.99 11.26 27.67
CA ASN E 10 35.51 12.47 28.36
C ASN E 10 36.09 13.73 27.75
N GLN E 11 37.33 13.68 27.27
CA GLN E 11 37.94 14.86 26.68
C GLN E 11 37.12 15.40 25.51
N ASP E 12 36.29 14.56 24.90
CA ASP E 12 35.45 14.98 23.79
C ASP E 12 33.99 15.20 24.21
N PHE E 13 33.70 14.92 25.47
CA PHE E 13 32.35 15.11 25.99
C PHE E 13 32.15 16.60 26.27
N ARG E 14 30.97 17.11 26.01
CA ARG E 14 30.66 18.52 26.26
C ARG E 14 29.25 18.67 26.78
N PHE E 15 29.12 19.30 27.95
CA PHE E 15 27.82 19.53 28.52
C PHE E 15 27.44 20.93 28.05
N ARG E 16 26.89 21.01 26.84
CA ARG E 16 26.48 22.30 26.31
C ARG E 16 25.17 22.74 26.94
N ASP E 17 24.18 21.86 26.97
CA ASP E 17 22.89 22.17 27.58
C ASP E 17 22.05 20.92 27.86
N LEU E 18 20.78 21.10 28.23
CA LEU E 18 19.94 19.93 28.56
C LEU E 18 19.84 18.87 27.46
N SER E 19 20.15 19.23 26.23
CA SER E 19 20.10 18.25 25.16
C SER E 19 21.16 17.17 25.32
N ASP E 20 22.15 17.44 26.17
CA ASP E 20 23.22 16.48 26.40
C ASP E 20 22.92 15.51 27.54
N LEU E 21 21.81 15.74 28.23
CA LEU E 21 21.42 14.87 29.35
C LEU E 21 20.28 13.94 28.92
N LYS E 22 20.24 12.75 29.50
CA LYS E 22 19.20 11.78 29.13
C LYS E 22 17.80 12.03 29.70
N HIS E 23 17.70 12.53 30.92
CA HIS E 23 16.37 12.69 31.50
C HIS E 23 15.83 14.09 31.63
N SER E 24 16.46 15.05 30.96
CA SER E 24 15.99 16.42 31.05
C SER E 24 15.09 16.75 29.87
N PRO E 25 14.19 17.73 30.05
CA PRO E 25 13.27 18.17 28.99
C PRO E 25 14.12 18.74 27.84
N LYS E 26 13.72 18.47 26.60
CA LYS E 26 14.44 18.95 25.40
C LYS E 26 13.44 19.87 24.73
N LEU E 27 13.50 21.14 25.13
CA LEU E 27 12.54 22.15 24.71
C LEU E 27 12.99 23.19 23.70
N CYS E 28 12.04 23.61 22.87
CA CYS E 28 12.26 24.68 21.92
C CYS E 28 11.05 25.61 22.06
N ILE E 29 11.32 26.90 22.23
CA ILE E 29 10.29 27.90 22.37
C ILE E 29 10.30 28.76 21.11
N ILE E 30 9.11 29.05 20.59
CA ILE E 30 8.97 29.88 19.40
C ILE E 30 8.13 31.05 19.88
N THR E 31 8.67 32.26 19.80
CA THR E 31 7.92 33.39 20.31
C THR E 31 8.22 34.64 19.49
N CYS E 32 7.79 35.79 19.98
CA CYS E 32 7.99 37.04 19.25
C CYS E 32 9.29 37.80 19.60
N MET E 33 9.73 38.68 18.69
CA MET E 33 10.94 39.50 18.90
C MET E 33 10.68 40.73 19.79
N ASP E 34 9.43 40.93 20.22
CA ASP E 34 9.01 42.05 21.07
C ASP E 34 9.96 42.23 22.26
N SER E 35 10.43 43.45 22.46
CA SER E 35 11.36 43.73 23.57
C SER E 35 10.76 43.52 24.96
N ARG E 36 9.44 43.51 25.07
CA ARG E 36 8.81 43.32 26.37
C ARG E 36 8.83 41.85 26.84
N LEU E 37 9.28 40.95 25.97
CA LEU E 37 9.38 39.52 26.31
C LEU E 37 10.74 39.22 26.93
N ILE E 38 11.72 40.07 26.66
CA ILE E 38 13.05 39.86 27.23
C ILE E 38 12.93 39.82 28.75
N ASP E 39 13.56 38.83 29.37
CA ASP E 39 13.58 38.66 30.83
C ASP E 39 12.21 38.16 31.33
N LEU E 40 11.15 38.89 31.03
CA LEU E 40 9.81 38.49 31.47
C LEU E 40 9.44 37.05 31.06
N LEU E 41 9.60 36.72 29.77
CA LEU E 41 9.23 35.38 29.32
C LEU E 41 10.00 34.26 30.01
N GLU E 42 11.32 34.43 30.16
CA GLU E 42 12.17 33.46 30.85
C GLU E 42 11.63 33.20 32.27
N ARG E 43 11.41 34.28 33.01
CA ARG E 43 10.89 34.16 34.37
C ARG E 43 9.47 33.56 34.40
N ALA E 44 8.63 33.94 33.44
CA ALA E 44 7.26 33.42 33.40
C ALA E 44 7.23 31.91 33.11
N LEU E 45 8.20 31.45 32.33
CA LEU E 45 8.28 30.03 31.97
C LEU E 45 9.16 29.25 32.94
N GLY E 46 9.90 29.97 33.79
CA GLY E 46 10.79 29.33 34.72
C GLY E 46 11.99 28.79 33.98
N ILE E 47 12.36 29.48 32.91
CA ILE E 47 13.48 29.07 32.07
C ILE E 47 14.73 29.92 32.28
N GLY E 48 15.87 29.25 32.24
CA GLY E 48 17.14 29.94 32.40
C GLY E 48 18.13 29.47 31.34
N ARG E 49 19.38 29.84 31.51
CA ARG E 49 20.42 29.47 30.55
C ARG E 49 20.49 27.96 30.32
N GLY E 50 20.46 27.56 29.06
CA GLY E 50 20.56 26.14 28.74
C GLY E 50 19.26 25.35 28.77
N ASP E 51 18.17 25.97 29.24
CA ASP E 51 16.88 25.27 29.36
C ASP E 51 16.03 25.05 28.11
N ALA E 52 16.30 25.79 27.05
CA ALA E 52 15.51 25.61 25.85
C ALA E 52 16.11 26.36 24.70
N LYS E 53 15.93 25.84 23.50
CA LYS E 53 16.38 26.51 22.30
C LYS E 53 15.30 27.57 22.07
N VAL E 54 15.66 28.72 21.50
CA VAL E 54 14.67 29.79 21.31
C VAL E 54 14.66 30.41 19.91
N ILE E 55 13.49 30.40 19.29
CA ILE E 55 13.33 30.95 17.96
C ILE E 55 12.43 32.16 18.10
N LYS E 56 12.86 33.30 17.56
CA LYS E 56 12.09 34.54 17.62
C LYS E 56 12.01 35.26 16.29
N ASN E 57 10.82 35.72 15.90
CA ASN E 57 10.69 36.48 14.69
C ASN E 57 9.54 37.47 14.90
N ALA E 58 9.20 38.28 13.90
CA ALA E 58 8.12 39.25 14.04
C ALA E 58 6.75 38.57 14.16
N GLY E 59 6.13 38.71 15.33
CA GLY E 59 4.81 38.13 15.59
C GLY E 59 4.74 36.63 15.78
N ASN E 60 5.87 35.99 16.10
CA ASN E 60 5.92 34.53 16.25
C ASN E 60 5.07 33.80 15.18
N ILE E 61 5.28 34.20 13.93
CA ILE E 61 4.58 33.57 12.82
C ILE E 61 5.36 32.35 12.36
N VAL E 62 4.71 31.19 12.31
CA VAL E 62 5.37 29.97 11.89
C VAL E 62 5.38 29.82 10.37
N ASP E 63 6.47 30.25 9.73
CA ASP E 63 6.64 30.14 8.29
C ASP E 63 7.68 29.03 8.09
N ASP E 64 8.10 28.79 6.85
CA ASP E 64 9.07 27.73 6.58
C ASP E 64 10.40 27.89 7.30
N GLY E 65 10.87 29.13 7.45
CA GLY E 65 12.13 29.34 8.15
C GLY E 65 12.01 28.85 9.60
N VAL E 66 10.90 29.17 10.26
CA VAL E 66 10.71 28.72 11.63
C VAL E 66 10.67 27.21 11.71
N ILE E 67 9.91 26.59 10.82
CA ILE E 67 9.80 25.14 10.81
C ILE E 67 11.16 24.48 10.59
N ARG E 68 11.97 25.00 9.67
CA ARG E 68 13.28 24.41 9.43
C ARG E 68 14.21 24.54 10.64
N SER E 69 14.15 25.68 11.34
CA SER E 69 15.01 25.88 12.52
C SER E 69 14.63 24.92 13.65
N ALA E 70 13.33 24.69 13.80
CA ALA E 70 12.82 23.77 14.81
C ALA E 70 13.23 22.34 14.41
N ALA E 71 13.13 22.04 13.12
CA ALA E 71 13.48 20.72 12.63
C ALA E 71 14.95 20.44 12.91
N VAL E 72 15.78 21.46 12.75
CA VAL E 72 17.20 21.28 13.00
C VAL E 72 17.39 20.93 14.46
N ALA E 73 16.72 21.67 15.34
CA ALA E 73 16.81 21.40 16.76
C ALA E 73 16.33 19.98 17.09
N ILE E 74 15.31 19.50 16.38
CA ILE E 74 14.79 18.17 16.64
C ILE E 74 15.75 17.08 16.26
N TYR E 75 16.24 17.11 15.02
CA TYR E 75 17.13 16.07 14.52
C TYR E 75 18.59 16.17 14.94
N ALA E 76 19.04 17.35 15.37
CA ALA E 76 20.43 17.52 15.80
C ALA E 76 20.57 17.54 17.31
N LEU E 77 19.57 18.11 17.99
CA LEU E 77 19.62 18.22 19.44
C LEU E 77 18.60 17.40 20.23
N GLY E 78 17.93 16.45 19.58
CA GLY E 78 16.99 15.60 20.31
C GLY E 78 15.76 16.29 20.88
N ASP E 79 15.48 17.46 20.37
CA ASP E 79 14.34 18.26 20.79
C ASP E 79 13.02 17.47 20.66
N ASN E 80 12.23 17.38 21.72
CA ASN E 80 10.97 16.61 21.64
C ASN E 80 9.73 17.37 22.10
N GLU E 81 9.88 18.65 22.39
CA GLU E 81 8.74 19.43 22.84
C GLU E 81 8.89 20.85 22.32
N ILE E 82 7.83 21.38 21.74
CA ILE E 82 7.86 22.72 21.18
C ILE E 82 6.69 23.54 21.75
N ILE E 83 7.01 24.71 22.26
CA ILE E 83 5.97 25.57 22.80
C ILE E 83 5.96 26.91 22.06
N ILE E 84 4.86 27.20 21.36
CA ILE E 84 4.74 28.48 20.66
C ILE E 84 4.12 29.43 21.70
N VAL E 85 4.74 30.59 21.92
CA VAL E 85 4.18 31.52 22.89
C VAL E 85 3.91 32.87 22.25
N GLY E 86 2.63 33.17 22.05
CA GLY E 86 2.27 34.47 21.48
C GLY E 86 2.12 35.38 22.67
N HIS E 87 1.78 36.63 22.43
CA HIS E 87 1.59 37.56 23.54
C HIS E 87 0.55 38.62 23.17
N THR E 88 -0.08 39.19 24.19
CA THR E 88 -1.09 40.21 23.97
C THR E 88 -0.43 41.49 23.45
N ASP E 89 -1.20 42.32 22.75
CA ASP E 89 -0.70 43.58 22.22
C ASP E 89 0.50 43.37 21.28
N CYS E 90 0.31 42.53 20.27
CA CYS E 90 1.31 42.23 19.26
C CYS E 90 0.81 42.65 17.88
N GLY E 91 1.71 43.16 17.04
CA GLY E 91 1.34 43.53 15.69
C GLY E 91 0.68 44.88 15.46
N MET E 92 1.12 45.56 14.40
CA MET E 92 0.59 46.88 14.02
C MET E 92 -0.72 46.74 13.24
N ALA E 93 -1.67 47.62 13.52
CA ALA E 93 -2.97 47.61 12.86
C ALA E 93 -2.84 47.94 11.36
N ARG E 94 -3.82 47.47 10.58
CA ARG E 94 -3.85 47.70 9.14
C ARG E 94 -3.88 49.19 8.80
N LEU E 95 -4.87 49.89 9.35
CA LEU E 95 -5.06 51.32 9.12
C LEU E 95 -3.74 52.06 9.31
N ASP E 96 -2.86 51.47 10.10
CA ASP E 96 -1.54 52.04 10.35
C ASP E 96 -0.61 51.59 9.24
N GLU E 97 -0.64 52.31 8.13
CA GLU E 97 0.20 52.02 6.98
C GLU E 97 0.96 53.30 6.70
N ASP E 98 0.25 54.41 6.84
CA ASP E 98 0.79 55.75 6.62
C ASP E 98 1.93 56.11 7.56
N LEU E 99 1.93 55.51 8.76
CA LEU E 99 2.99 55.77 9.74
C LEU E 99 4.23 54.97 9.36
N ILE E 100 4.01 53.78 8.83
CA ILE E 100 5.10 52.89 8.42
C ILE E 100 5.76 53.39 7.13
N VAL E 101 4.95 53.64 6.11
CA VAL E 101 5.47 54.12 4.84
C VAL E 101 6.26 55.40 5.09
N SER E 102 5.66 56.31 5.84
CA SER E 102 6.29 57.57 6.17
C SER E 102 7.69 57.32 6.76
N ARG E 103 7.85 56.28 7.57
CA ARG E 103 9.17 55.99 8.16
C ARG E 103 10.10 55.33 7.10
N MET E 104 9.54 54.65 6.08
CA MET E 104 10.33 54.03 5.00
C MET E 104 10.92 55.16 4.14
N ARG E 105 10.08 56.13 3.81
CA ARG E 105 10.51 57.29 3.01
C ARG E 105 11.57 58.02 3.84
N GLU E 106 11.17 58.44 5.03
CA GLU E 106 12.08 59.13 5.94
C GLU E 106 13.00 58.15 6.67
N LEU E 107 13.83 57.39 5.98
CA LEU E 107 14.76 56.50 6.69
C LEU E 107 15.77 56.19 5.64
N GLY E 108 15.44 56.75 4.48
CA GLY E 108 16.25 56.64 3.28
C GLY E 108 15.92 55.46 2.39
N VAL E 109 14.66 55.01 2.26
CA VAL E 109 14.31 53.86 1.39
C VAL E 109 13.56 54.21 0.07
N GLU E 110 13.79 53.36 -0.95
CA GLU E 110 13.25 53.50 -2.32
C GLU E 110 11.74 53.31 -2.50
N GLU E 111 11.21 53.95 -3.55
CA GLU E 111 9.76 53.95 -3.85
C GLU E 111 9.10 52.91 -4.79
N GLU E 112 9.86 52.32 -5.71
CA GLU E 112 9.31 51.36 -6.68
C GLU E 112 9.41 49.97 -6.03
N VAL E 113 9.28 50.00 -4.71
CA VAL E 113 9.37 48.82 -3.86
C VAL E 113 8.09 48.66 -3.03
N ILE E 114 7.34 49.74 -2.90
CA ILE E 114 6.10 49.73 -2.13
C ILE E 114 5.10 48.73 -2.70
N GLU E 115 5.13 48.54 -4.01
CA GLU E 115 4.24 47.62 -4.68
C GLU E 115 4.43 46.18 -4.19
N ASN E 116 5.66 45.86 -3.79
CA ASN E 116 5.98 44.52 -3.32
C ASN E 116 6.06 44.45 -1.79
N PHE E 117 5.43 45.41 -1.13
CA PHE E 117 5.44 45.45 0.33
C PHE E 117 4.05 45.17 0.91
N SER E 118 3.01 45.45 0.13
CA SER E 118 1.63 45.24 0.56
C SER E 118 1.26 43.78 0.69
N ILE E 119 1.26 43.07 -0.44
CA ILE E 119 0.92 41.63 -0.50
C ILE E 119 1.92 40.90 0.31
N ASP E 120 3.08 40.68 -0.30
CA ASP E 120 4.11 40.03 0.42
C ASP E 120 3.78 40.35 1.89
N VAL E 121 3.41 41.62 2.16
CA VAL E 121 2.97 42.07 3.50
C VAL E 121 4.06 41.92 4.53
N LEU E 122 4.17 42.78 5.56
CA LEU E 122 5.28 42.55 6.49
C LEU E 122 5.01 41.91 7.86
N ASN E 123 3.99 42.32 8.60
CA ASN E 123 3.74 41.66 9.88
C ASN E 123 2.32 41.06 9.99
N PRO E 124 2.00 40.07 9.15
CA PRO E 124 0.70 39.37 9.08
C PRO E 124 0.20 38.64 10.33
N VAL E 125 0.09 39.29 11.48
CA VAL E 125 -0.37 38.62 12.66
C VAL E 125 -1.87 38.45 12.88
N GLY E 126 -2.66 39.50 12.68
CA GLY E 126 -4.08 39.37 12.94
C GLY E 126 -4.20 39.17 14.44
N ASP E 127 -5.24 38.48 14.90
CA ASP E 127 -5.36 38.29 16.34
C ASP E 127 -4.30 37.32 16.89
N GLU E 128 -3.74 37.68 18.04
CA GLU E 128 -2.69 36.91 18.69
C GLU E 128 -2.99 35.46 19.02
N GLU E 129 -4.18 35.20 19.56
CA GLU E 129 -4.55 33.81 19.90
C GLU E 129 -4.68 32.90 18.68
N GLU E 130 -5.36 33.36 17.64
CA GLU E 130 -5.53 32.52 16.46
C GLU E 130 -4.21 32.34 15.73
N ASN E 131 -3.31 33.30 15.86
CA ASN E 131 -2.00 33.17 15.22
C ASN E 131 -1.26 32.02 15.90
N VAL E 132 -1.34 31.94 17.22
CA VAL E 132 -0.69 30.85 17.96
C VAL E 132 -1.26 29.51 17.48
N ILE E 133 -2.58 29.39 17.43
CA ILE E 133 -3.23 28.14 16.99
C ILE E 133 -2.83 27.76 15.58
N GLU E 134 -2.82 28.73 14.66
CA GLU E 134 -2.44 28.45 13.29
C GLU E 134 -1.00 27.96 13.28
N GLY E 135 -0.17 28.54 14.13
CA GLY E 135 1.22 28.12 14.20
C GLY E 135 1.32 26.66 14.63
N VAL E 136 0.54 26.29 15.63
CA VAL E 136 0.56 24.91 16.12
C VAL E 136 0.13 23.94 15.00
N LYS E 137 -0.88 24.32 14.24
CA LYS E 137 -1.37 23.47 13.15
C LYS E 137 -0.30 23.31 12.08
N ARG E 138 0.37 24.41 11.75
CA ARG E 138 1.43 24.37 10.74
C ARG E 138 2.53 23.39 11.15
N LEU E 139 2.97 23.48 12.40
CA LEU E 139 4.02 22.58 12.87
C LEU E 139 3.58 21.12 12.86
N LYS E 140 2.40 20.84 13.42
CA LYS E 140 1.92 19.47 13.48
C LYS E 140 1.66 18.84 12.12
N SER E 141 1.27 19.65 11.15
CA SER E 141 0.99 19.12 9.82
C SER E 141 2.25 19.02 8.95
N SER E 142 3.36 19.59 9.41
CA SER E 142 4.60 19.53 8.63
C SER E 142 5.22 18.14 8.69
N PRO E 143 5.61 17.59 7.53
CA PRO E 143 6.23 16.27 7.44
C PRO E 143 7.61 16.28 8.14
N LEU E 144 8.14 17.48 8.35
CA LEU E 144 9.46 17.62 9.00
C LEU E 144 9.38 17.42 10.51
N ILE E 145 8.18 17.54 11.06
CA ILE E 145 7.97 17.42 12.51
C ILE E 145 7.38 16.07 12.86
N PRO E 146 8.15 15.20 13.53
CA PRO E 146 7.69 13.86 13.92
C PRO E 146 6.41 13.96 14.75
N GLU E 147 5.49 13.01 14.53
CA GLU E 147 4.24 13.06 15.27
C GLU E 147 4.47 12.88 16.77
N SER E 148 5.63 12.35 17.12
CA SER E 148 5.97 12.12 18.53
C SER E 148 6.34 13.44 19.23
N ILE E 149 6.57 14.49 18.47
CA ILE E 149 6.92 15.79 19.05
C ILE E 149 5.68 16.47 19.66
N GLY E 150 5.78 16.85 20.93
CA GLY E 150 4.66 17.54 21.55
C GLY E 150 4.69 19.01 21.14
N VAL E 151 3.59 19.51 20.58
CA VAL E 151 3.53 20.90 20.14
C VAL E 151 2.41 21.61 20.88
N HIS E 152 2.76 22.63 21.67
CA HIS E 152 1.79 23.37 22.47
C HIS E 152 1.72 24.84 22.07
N GLY E 153 0.59 25.45 22.41
CA GLY E 153 0.40 26.86 22.12
C GLY E 153 -0.11 27.61 23.35
N LEU E 154 0.56 28.71 23.69
CA LEU E 154 0.17 29.50 24.83
C LEU E 154 0.20 30.96 24.41
N ILE E 155 -0.44 31.81 25.22
CA ILE E 155 -0.36 33.24 24.98
C ILE E 155 -0.07 33.84 26.34
N ILE E 156 0.89 34.76 26.39
CA ILE E 156 1.26 35.38 27.65
C ILE E 156 0.80 36.83 27.67
N ASP E 157 0.30 37.27 28.83
CA ASP E 157 -0.13 38.66 28.97
C ASP E 157 1.20 39.41 28.98
N ILE E 158 1.38 40.32 28.04
CA ILE E 158 2.63 41.05 27.89
C ILE E 158 3.01 41.93 29.08
N ASN E 159 2.04 42.22 29.94
CA ASN E 159 2.32 43.08 31.09
C ASN E 159 2.38 42.40 32.44
N THR E 160 1.73 41.24 32.57
CA THR E 160 1.73 40.50 33.84
C THR E 160 2.53 39.22 33.77
N GLY E 161 2.71 38.68 32.57
CA GLY E 161 3.44 37.45 32.43
C GLY E 161 2.60 36.22 32.71
N ARG E 162 1.28 36.41 32.80
CA ARG E 162 0.39 35.29 33.07
C ARG E 162 0.20 34.50 31.79
N LEU E 163 0.29 33.18 31.90
CA LEU E 163 0.13 32.31 30.74
C LEU E 163 -1.27 31.77 30.62
N LYS E 164 -1.75 31.70 29.38
CA LYS E 164 -3.07 31.14 29.12
C LYS E 164 -2.88 30.06 28.05
N PRO E 165 -3.21 28.80 28.37
CA PRO E 165 -3.06 27.73 27.39
C PRO E 165 -4.09 27.86 26.26
N LEU E 166 -3.65 27.67 25.03
CA LEU E 166 -4.54 27.76 23.88
C LEU E 166 -4.68 26.38 23.26
N TYR E 167 -3.62 25.59 23.41
CA TYR E 167 -3.60 24.21 22.93
C TYR E 167 -2.52 23.41 23.64
N LEU E 168 -2.92 22.33 24.28
CA LEU E 168 -1.96 21.48 24.99
C LEU E 168 -1.91 20.13 24.28
N ASP E 169 -0.72 19.70 23.93
CA ASP E 169 -0.53 18.42 23.24
C ASP E 169 -0.33 17.27 24.23
N GLU E 170 0.64 17.37 25.12
CA GLU E 170 0.91 16.28 26.06
C GLU E 170 0.52 16.58 27.51
N ILE F 2 24.48 52.93 19.81
CA ILE F 2 24.47 52.13 21.07
C ILE F 2 25.63 51.13 21.11
N ILE F 3 25.94 50.54 19.96
CA ILE F 3 27.00 49.56 19.85
C ILE F 3 28.27 50.03 20.60
N LYS F 4 28.57 51.31 20.49
CA LYS F 4 29.74 51.89 21.17
C LYS F 4 29.59 51.72 22.68
N ASP F 5 28.43 52.12 23.19
CA ASP F 5 28.16 51.99 24.61
C ASP F 5 28.39 50.53 25.01
N ILE F 6 27.65 49.64 24.35
CA ILE F 6 27.72 48.21 24.64
C ILE F 6 29.16 47.67 24.69
N LEU F 7 29.96 47.98 23.68
CA LEU F 7 31.32 47.50 23.70
C LEU F 7 32.06 48.03 24.94
N ARG F 8 31.53 49.13 25.50
CA ARG F 8 32.18 49.81 26.63
C ARG F 8 32.39 49.02 27.93
N GLU F 9 31.33 48.59 28.57
CA GLU F 9 31.38 47.90 29.86
C GLU F 9 31.34 46.38 29.77
N ASN F 10 31.35 45.83 28.56
CA ASN F 10 31.33 44.39 28.40
C ASN F 10 32.72 43.84 28.69
N PRO F 25 12.29 50.73 21.53
CA PRO F 25 13.74 50.45 21.50
C PRO F 25 14.25 50.68 20.08
N LYS F 26 15.30 51.46 19.92
CA LYS F 26 15.79 51.67 18.55
C LYS F 26 16.81 50.62 18.12
N LEU F 27 16.97 49.58 18.94
CA LEU F 27 17.91 48.51 18.66
C LEU F 27 17.23 47.19 18.28
N CYS F 28 17.84 46.47 17.33
CA CYS F 28 17.35 45.15 16.94
C CYS F 28 18.55 44.21 16.98
N ILE F 29 18.39 43.08 17.65
CA ILE F 29 19.46 42.10 17.76
C ILE F 29 19.08 40.82 17.01
N ILE F 30 20.00 40.32 16.19
CA ILE F 30 19.82 39.07 15.45
C ILE F 30 20.87 38.12 15.99
N THR F 31 20.44 36.99 16.53
CA THR F 31 21.39 36.05 17.12
C THR F 31 20.87 34.62 16.96
N CYS F 32 21.53 33.68 17.61
CA CYS F 32 21.19 32.26 17.47
C CYS F 32 20.18 31.77 18.50
N MET F 33 19.57 30.62 18.21
CA MET F 33 18.57 30.01 19.08
C MET F 33 19.21 29.18 20.18
N ASP F 34 20.54 29.14 20.18
CA ASP F 34 21.31 28.38 21.14
C ASP F 34 20.85 28.72 22.57
N SER F 35 20.60 27.69 23.38
CA SER F 35 20.12 27.87 24.75
C SER F 35 21.09 28.57 25.72
N ARG F 36 22.38 28.56 25.39
CA ARG F 36 23.39 29.17 26.26
C ARG F 36 23.43 30.70 26.18
N LEU F 37 22.71 31.27 25.20
CA LEU F 37 22.63 32.72 25.05
C LEU F 37 21.54 33.30 25.96
N ILE F 38 20.68 32.44 26.49
CA ILE F 38 19.62 32.90 27.41
C ILE F 38 20.31 33.43 28.66
N ASP F 39 19.97 34.68 29.00
CA ASP F 39 20.51 35.40 30.16
C ASP F 39 21.95 35.86 29.98
N LEU F 40 22.79 35.01 29.39
CA LEU F 40 24.19 35.34 29.16
C LEU F 40 24.27 36.57 28.26
N LEU F 41 23.55 36.53 27.15
CA LEU F 41 23.56 37.63 26.18
C LEU F 41 23.03 38.94 26.78
N GLU F 42 21.93 38.87 27.51
CA GLU F 42 21.34 40.06 28.12
C GLU F 42 22.34 40.76 29.04
N ARG F 43 22.99 39.98 29.90
CA ARG F 43 23.97 40.52 30.82
C ARG F 43 25.19 41.07 30.08
N ALA F 44 25.63 40.37 29.05
CA ALA F 44 26.80 40.75 28.29
C ALA F 44 26.64 42.04 27.49
N LEU F 45 25.45 42.26 26.96
CA LEU F 45 25.21 43.46 26.15
C LEU F 45 24.62 44.59 26.99
N GLY F 46 24.29 44.28 28.24
CA GLY F 46 23.68 45.28 29.11
C GLY F 46 22.27 45.55 28.65
N ILE F 47 21.55 44.49 28.25
CA ILE F 47 20.20 44.66 27.75
C ILE F 47 19.13 43.88 28.53
N GLY F 48 18.08 44.59 28.93
CA GLY F 48 17.02 43.98 29.68
C GLY F 48 15.70 44.18 28.97
N ARG F 49 14.61 43.95 29.69
CA ARG F 49 13.26 44.08 29.15
C ARG F 49 13.04 45.47 28.57
N GLY F 50 12.54 45.50 27.33
CA GLY F 50 12.27 46.76 26.67
C GLY F 50 13.45 47.43 25.98
N ASP F 51 14.65 46.83 25.99
CA ASP F 51 15.79 47.48 25.34
C ASP F 51 16.04 47.13 23.88
N ALA F 52 15.41 46.07 23.39
CA ALA F 52 15.62 45.70 21.99
C ALA F 52 14.71 44.60 21.46
N LYS F 53 14.49 44.63 20.15
CA LYS F 53 13.71 43.59 19.48
C LYS F 53 14.75 42.50 19.29
N VAL F 54 14.37 41.25 19.48
CA VAL F 54 15.34 40.17 19.34
C VAL F 54 14.87 39.11 18.37
N ILE F 55 15.68 38.87 17.35
CA ILE F 55 15.40 37.87 16.33
C ILE F 55 16.37 36.72 16.53
N LYS F 56 15.85 35.49 16.50
CA LYS F 56 16.69 34.31 16.73
C LYS F 56 16.32 33.16 15.82
N ASN F 57 17.35 32.51 15.26
CA ASN F 57 17.12 31.36 14.39
C ASN F 57 18.36 30.46 14.44
N ALA F 58 18.35 29.38 13.68
CA ALA F 58 19.48 28.46 13.66
C ALA F 58 20.75 29.09 13.06
N GLY F 59 21.73 29.35 13.92
CA GLY F 59 23.01 29.92 13.51
C GLY F 59 23.04 31.39 13.16
N ASN F 60 22.00 32.14 13.54
CA ASN F 60 21.89 33.56 13.21
C ASN F 60 22.23 33.83 11.75
N ILE F 61 21.70 32.99 10.88
CA ILE F 61 21.90 33.12 9.44
C ILE F 61 20.83 34.05 8.90
N VAL F 62 21.25 35.02 8.07
CA VAL F 62 20.31 35.99 7.51
C VAL F 62 19.62 35.48 6.24
N ASP F 63 18.34 35.15 6.38
CA ASP F 63 17.52 34.67 5.26
C ASP F 63 16.33 35.61 5.16
N ASP F 64 15.32 35.24 4.37
CA ASP F 64 14.14 36.08 4.22
C ASP F 64 13.35 36.30 5.50
N GLY F 65 13.22 35.26 6.32
CA GLY F 65 12.49 35.40 7.56
C GLY F 65 13.14 36.49 8.40
N VAL F 66 14.47 36.44 8.52
CA VAL F 66 15.21 37.44 9.29
C VAL F 66 15.06 38.83 8.66
N ILE F 67 15.20 38.92 7.34
CA ILE F 67 15.06 40.23 6.70
C ILE F 67 13.68 40.83 6.91
N ARG F 68 12.64 40.00 6.82
CA ARG F 68 11.28 40.49 7.04
C ARG F 68 11.12 41.02 8.46
N SER F 69 11.58 40.23 9.44
CA SER F 69 11.46 40.64 10.82
C SER F 69 12.23 41.92 11.13
N ALA F 70 13.42 42.03 10.57
CA ALA F 70 14.25 43.23 10.77
C ALA F 70 13.57 44.46 10.14
N ALA F 71 12.89 44.28 9.01
CA ALA F 71 12.20 45.38 8.34
C ALA F 71 11.04 45.86 9.23
N VAL F 72 10.29 44.91 9.80
CA VAL F 72 9.18 45.27 10.68
C VAL F 72 9.75 46.09 11.84
N ALA F 73 10.85 45.61 12.42
CA ALA F 73 11.47 46.32 13.55
C ALA F 73 11.87 47.76 13.20
N ILE F 74 12.24 47.98 11.94
CA ILE F 74 12.65 49.29 11.45
C ILE F 74 11.51 50.25 11.15
N TYR F 75 10.62 49.83 10.26
CA TYR F 75 9.51 50.66 9.80
C TYR F 75 8.32 50.92 10.71
N ALA F 76 7.88 49.92 11.46
CA ALA F 76 6.73 50.09 12.35
C ALA F 76 7.12 50.36 13.78
N LEU F 77 8.32 49.94 14.17
CA LEU F 77 8.74 50.17 15.53
C LEU F 77 9.72 51.31 15.66
N GLY F 78 10.51 51.54 14.62
CA GLY F 78 11.46 52.64 14.68
C GLY F 78 12.85 52.25 15.10
N ASP F 79 13.36 51.16 14.54
CA ASP F 79 14.70 50.69 14.85
C ASP F 79 15.68 51.30 13.85
N ASN F 80 16.78 51.85 14.33
CA ASN F 80 17.76 52.43 13.42
C ASN F 80 19.14 51.82 13.59
N GLU F 81 19.21 50.72 14.33
CA GLU F 81 20.47 50.04 14.57
C GLU F 81 20.21 48.54 14.73
N ILE F 82 20.98 47.74 13.98
CA ILE F 82 20.88 46.28 14.04
C ILE F 82 22.24 45.69 14.37
N ILE F 83 22.27 44.72 15.25
CA ILE F 83 23.51 44.07 15.62
C ILE F 83 23.33 42.56 15.44
N ILE F 84 24.20 41.95 14.63
CA ILE F 84 24.16 40.51 14.46
C ILE F 84 25.15 40.01 15.48
N VAL F 85 24.71 39.11 16.33
CA VAL F 85 25.59 38.58 17.35
C VAL F 85 25.75 37.08 17.17
N GLY F 86 26.88 36.68 16.61
CA GLY F 86 27.16 35.27 16.45
C GLY F 86 27.79 34.83 17.75
N HIS F 87 28.10 33.54 17.87
CA HIS F 87 28.73 33.08 19.09
C HIS F 87 29.66 31.92 18.76
N THR F 88 30.64 31.69 19.63
CA THR F 88 31.59 30.61 19.45
C THR F 88 30.91 29.28 19.76
N ASP F 89 31.40 28.22 19.14
CA ASP F 89 30.86 26.88 19.32
C ASP F 89 29.39 26.74 18.88
N CYS F 90 29.07 27.36 17.75
CA CYS F 90 27.72 27.32 17.19
C CYS F 90 27.57 26.02 16.41
N GLY F 91 26.51 25.28 16.70
CA GLY F 91 26.26 24.01 16.04
C GLY F 91 26.15 24.10 14.52
N MET F 92 25.69 25.25 14.01
CA MET F 92 25.53 25.41 12.56
C MET F 92 26.86 25.44 11.81
N ALA F 93 27.95 25.73 12.52
CA ALA F 93 29.26 25.77 11.88
C ALA F 93 29.89 24.38 11.84
N ARG F 94 29.15 23.38 12.31
CA ARG F 94 29.62 22.01 12.32
C ARG F 94 28.44 21.13 11.99
N LEU F 95 27.57 21.62 11.12
CA LEU F 95 26.37 20.90 10.73
C LEU F 95 26.70 19.63 9.95
N ASP F 96 26.27 18.49 10.46
CA ASP F 96 26.52 17.22 9.78
C ASP F 96 25.19 16.79 9.14
N GLU F 97 24.94 17.26 7.92
CA GLU F 97 23.69 16.93 7.26
C GLU F 97 23.50 15.45 7.00
N ASP F 98 24.61 14.72 6.82
CA ASP F 98 24.52 13.27 6.59
C ASP F 98 23.90 12.61 7.81
N LEU F 99 24.38 12.99 8.98
CA LEU F 99 23.88 12.43 10.23
C LEU F 99 22.41 12.81 10.48
N ILE F 100 22.05 14.03 10.09
CA ILE F 100 20.67 14.46 10.27
C ILE F 100 19.77 13.65 9.33
N VAL F 101 20.26 13.42 8.11
CA VAL F 101 19.51 12.68 7.11
C VAL F 101 19.19 11.27 7.59
N SER F 102 20.18 10.64 8.25
CA SER F 102 20.02 9.29 8.75
C SER F 102 18.93 9.21 9.81
N ARG F 103 18.91 10.20 10.70
CA ARG F 103 17.91 10.22 11.76
C ARG F 103 16.50 10.47 11.21
N MET F 104 16.39 11.29 10.17
CA MET F 104 15.09 11.57 9.59
C MET F 104 14.59 10.27 8.96
N ARG F 105 15.48 9.58 8.26
CA ARG F 105 15.12 8.32 7.61
C ARG F 105 14.65 7.28 8.61
N GLU F 106 15.17 7.35 9.82
CA GLU F 106 14.80 6.41 10.87
C GLU F 106 13.41 6.71 11.40
N LEU F 107 13.06 7.98 11.47
CA LEU F 107 11.72 8.34 11.95
C LEU F 107 10.74 8.17 10.81
N GLY F 108 11.22 7.61 9.70
CA GLY F 108 10.38 7.36 8.55
C GLY F 108 9.91 8.56 7.73
N VAL F 109 10.70 9.63 7.68
CA VAL F 109 10.34 10.80 6.88
C VAL F 109 10.61 10.42 5.42
N GLU F 110 9.64 10.63 4.53
CA GLU F 110 9.81 10.28 3.12
C GLU F 110 11.01 10.97 2.47
N GLU F 111 11.65 10.26 1.52
CA GLU F 111 12.82 10.76 0.82
C GLU F 111 12.69 12.15 0.21
N GLU F 112 11.57 12.41 -0.45
CA GLU F 112 11.35 13.70 -1.08
C GLU F 112 11.39 14.85 -0.04
N VAL F 113 10.76 14.62 1.11
CA VAL F 113 10.73 15.62 2.17
C VAL F 113 12.14 15.88 2.70
N ILE F 114 12.87 14.81 2.96
CA ILE F 114 14.24 14.91 3.45
C ILE F 114 15.09 15.69 2.45
N GLU F 115 14.99 15.29 1.18
CA GLU F 115 15.73 15.92 0.10
C GLU F 115 15.45 17.41 0.03
N ASN F 116 14.18 17.78 0.13
CA ASN F 116 13.79 19.18 0.09
C ASN F 116 14.43 19.91 1.27
N PHE F 117 14.54 19.21 2.39
CA PHE F 117 15.13 19.76 3.60
C PHE F 117 16.65 19.91 3.45
N SER F 118 17.32 18.88 2.92
CA SER F 118 18.76 18.99 2.73
C SER F 118 19.05 20.18 1.80
N ILE F 119 18.24 20.35 0.76
CA ILE F 119 18.45 21.47 -0.16
C ILE F 119 18.25 22.84 0.51
N ASP F 120 17.16 22.98 1.26
CA ASP F 120 16.85 24.24 1.92
C ASP F 120 17.85 24.66 2.99
N VAL F 121 18.33 23.70 3.78
CA VAL F 121 19.27 24.03 4.84
C VAL F 121 20.63 24.24 4.24
N LEU F 122 21.03 25.50 4.11
CA LEU F 122 22.31 25.88 3.53
C LEU F 122 23.57 25.18 4.06
N ASN F 123 24.50 24.94 3.14
CA ASN F 123 25.77 24.27 3.40
C ASN F 123 26.62 24.81 4.55
N PRO F 124 27.50 23.96 5.10
CA PRO F 124 28.41 24.27 6.20
C PRO F 124 29.58 25.05 5.60
N VAL F 125 29.35 26.34 5.34
CA VAL F 125 30.34 27.21 4.70
C VAL F 125 31.45 27.79 5.58
N GLY F 126 31.24 28.98 6.13
CA GLY F 126 32.27 29.58 6.95
C GLY F 126 32.03 29.49 8.44
N ASP F 127 33.10 29.66 9.23
CA ASP F 127 33.00 29.60 10.67
C ASP F 127 32.13 30.74 11.22
N GLU F 128 31.99 30.79 12.54
CA GLU F 128 31.15 31.79 13.18
C GLU F 128 31.40 33.24 12.84
N GLU F 129 32.67 33.64 12.84
CA GLU F 129 33.00 35.02 12.51
C GLU F 129 32.62 35.36 11.09
N GLU F 130 32.90 34.44 10.18
CA GLU F 130 32.59 34.62 8.77
C GLU F 130 31.10 34.72 8.52
N ASN F 131 30.32 33.87 9.20
CA ASN F 131 28.87 33.88 9.04
C ASN F 131 28.32 35.24 9.45
N VAL F 132 28.86 35.79 10.54
CA VAL F 132 28.42 37.10 11.02
C VAL F 132 28.64 38.16 9.94
N ILE F 133 29.85 38.20 9.38
CA ILE F 133 30.18 39.15 8.31
C ILE F 133 29.26 38.96 7.11
N GLU F 134 29.03 37.70 6.73
CA GLU F 134 28.17 37.41 5.59
C GLU F 134 26.77 37.95 5.86
N GLY F 135 26.31 37.79 7.10
CA GLY F 135 24.99 38.28 7.45
C GLY F 135 24.92 39.79 7.35
N VAL F 136 25.97 40.49 7.79
CA VAL F 136 25.99 41.95 7.72
C VAL F 136 25.86 42.39 6.26
N LYS F 137 26.60 41.73 5.38
CA LYS F 137 26.55 42.04 3.96
C LYS F 137 25.17 41.76 3.38
N ARG F 138 24.55 40.66 3.81
CA ARG F 138 23.22 40.32 3.30
C ARG F 138 22.19 41.37 3.68
N LEU F 139 22.29 41.88 4.90
CA LEU F 139 21.36 42.89 5.37
C LEU F 139 21.59 44.20 4.63
N LYS F 140 22.85 44.67 4.66
CA LYS F 140 23.22 45.92 4.00
C LYS F 140 22.91 45.95 2.52
N SER F 141 22.81 44.78 1.90
CA SER F 141 22.54 44.74 0.47
C SER F 141 21.07 44.49 0.16
N SER F 142 20.23 44.54 1.19
CA SER F 142 18.80 44.32 1.01
C SER F 142 18.12 45.66 0.71
N PRO F 143 17.25 45.70 -0.31
CA PRO F 143 16.55 46.95 -0.64
C PRO F 143 15.59 47.35 0.48
N LEU F 144 15.37 46.42 1.42
CA LEU F 144 14.50 46.68 2.54
C LEU F 144 15.32 47.31 3.66
N ILE F 145 16.64 47.14 3.63
CA ILE F 145 17.48 47.70 4.68
C ILE F 145 18.29 48.91 4.25
N PRO F 146 17.80 50.10 4.57
CA PRO F 146 18.36 51.43 4.31
C PRO F 146 19.78 51.58 4.78
N GLU F 147 20.54 52.36 4.03
CA GLU F 147 21.93 52.59 4.35
C GLU F 147 22.04 53.51 5.56
N SER F 148 20.93 54.13 5.93
CA SER F 148 20.92 55.01 7.11
C SER F 148 20.85 54.17 8.38
N ILE F 149 20.55 52.89 8.24
CA ILE F 149 20.47 51.99 9.39
C ILE F 149 21.86 51.42 9.67
N GLY F 150 22.34 51.57 10.90
CA GLY F 150 23.64 51.01 11.25
C GLY F 150 23.51 49.49 11.42
N VAL F 151 24.36 48.75 10.72
CA VAL F 151 24.36 47.27 10.78
C VAL F 151 25.73 46.79 11.27
N HIS F 152 25.79 46.36 12.53
CA HIS F 152 27.03 45.89 13.13
C HIS F 152 27.10 44.37 13.28
N GLY F 153 28.32 43.87 13.50
CA GLY F 153 28.52 42.45 13.66
C GLY F 153 29.45 42.16 14.82
N LEU F 154 29.02 41.29 15.70
CA LEU F 154 29.81 40.91 16.87
C LEU F 154 29.78 39.41 17.01
N ILE F 155 30.63 38.90 17.89
CA ILE F 155 30.63 37.49 18.21
C ILE F 155 30.91 37.42 19.70
N ILE F 156 30.14 36.61 20.39
CA ILE F 156 30.30 36.50 21.82
C ILE F 156 30.84 35.12 22.20
N ASP F 157 31.66 35.09 23.24
CA ASP F 157 32.21 33.84 23.74
C ASP F 157 31.03 33.17 24.45
N ILE F 158 30.61 32.01 23.97
CA ILE F 158 29.45 31.36 24.54
C ILE F 158 29.56 30.97 26.02
N ASN F 159 30.78 30.96 26.57
CA ASN F 159 30.97 30.59 27.97
C ASN F 159 31.33 31.77 28.88
N THR F 160 32.04 32.76 28.33
CA THR F 160 32.46 33.92 29.13
C THR F 160 31.61 35.17 28.93
N GLY F 161 30.96 35.28 27.78
CA GLY F 161 30.15 36.47 27.56
C GLY F 161 30.97 37.63 27.03
N ARG F 162 32.25 37.39 26.80
CA ARG F 162 33.10 38.44 26.26
C ARG F 162 32.73 38.68 24.80
N LEU F 163 32.62 39.96 24.43
CA LEU F 163 32.28 40.36 23.08
C LEU F 163 33.52 40.69 22.26
N LYS F 164 33.46 40.39 20.97
CA LYS F 164 34.56 40.70 20.05
C LYS F 164 33.91 41.28 18.80
N PRO F 165 34.21 42.55 18.50
CA PRO F 165 33.64 43.22 17.33
C PRO F 165 34.23 42.68 16.04
N LEU F 166 33.39 42.52 15.03
CA LEU F 166 33.83 42.01 13.74
C LEU F 166 33.59 43.11 12.74
N TYR F 167 32.63 43.98 13.04
CA TYR F 167 32.32 45.07 12.14
C TYR F 167 31.43 46.17 12.76
N LEU F 168 31.95 47.39 12.77
CA LEU F 168 31.21 48.53 13.29
C LEU F 168 30.77 49.37 12.10
N ASP F 169 29.46 49.44 11.87
CA ASP F 169 28.91 50.19 10.75
C ASP F 169 28.94 51.71 10.99
N GLU F 170 28.60 52.47 9.93
CA GLU F 170 28.56 53.94 9.95
C GLU F 170 29.82 54.51 9.30
ZN ZN G . -9.58 6.67 11.25
CA CA H . 8.35 -14.32 7.84
CA CA I . 5.42 -16.51 17.44
N1 EPE J . -13.42 12.38 10.52
C2 EPE J . -14.25 13.28 11.43
C3 EPE J . -13.41 14.52 11.74
N4 EPE J . -12.19 14.15 12.49
C5 EPE J . -11.35 13.22 11.66
C6 EPE J . -12.13 11.96 11.24
C7 EPE J . -11.30 15.33 12.82
C8 EPE J . -11.97 16.40 13.67
O8 EPE J . -12.69 17.39 12.94
C9 EPE J . -14.13 11.09 10.08
C10 EPE J . -15.61 11.28 9.66
S EPE J . -16.31 9.69 9.23
O1S EPE J . -17.71 9.95 9.07
O2S EPE J . -16.05 8.76 10.34
O3S EPE J . -15.67 9.30 8.00
ZN ZN K . -19.06 -13.76 6.15
CA CA L . -29.72 -22.49 14.69
ZN ZN M . -12.37 -19.60 -25.09
CA CA N . -14.08 -47.04 -25.77
N1 EPE O . -12.80 -12.90 -23.72
C2 EPE O . -13.09 -11.48 -24.17
C3 EPE O . -14.58 -11.25 -23.99
N4 EPE O . -15.38 -12.17 -24.84
C5 EPE O . -15.07 -13.60 -24.48
C6 EPE O . -13.56 -13.90 -24.60
C7 EPE O . -16.87 -12.01 -24.69
C8 EPE O . -17.38 -10.60 -25.00
O8 EPE O . -17.25 -9.67 -23.92
C9 EPE O . -11.34 -13.22 -23.83
C10 EPE O . -10.80 -13.18 -22.39
S EPE O . -9.05 -13.51 -22.32
O1S EPE O . -8.75 -13.43 -20.93
O2S EPE O . -8.38 -12.46 -23.10
O3S EPE O . -8.84 -14.82 -22.86
ZN ZN P . 7.79 -30.81 -23.68
ZN ZN Q . 4.73 40.46 19.11
CA CA R . 2.95 13.93 9.82
N1 EPE S . 4.91 47.17 20.12
C2 EPE S . 4.67 48.32 19.13
C3 EPE S . 3.26 48.62 19.40
N4 EPE S . 2.33 47.50 19.21
C5 EPE S . 2.64 46.15 19.69
C6 EPE S . 4.14 45.90 19.53
C7 EPE S . 0.91 47.70 19.56
C8 EPE S . 0.61 49.08 19.54
O8 EPE S . 1.18 49.45 20.82
C9 EPE S . 6.34 46.86 20.06
C10 EPE S . 6.97 46.97 21.49
S EPE S . 8.75 46.66 21.32
O1S EPE S . 9.29 46.87 22.63
O2S EPE S . 9.30 47.67 20.39
O3S EPE S . 8.86 45.33 20.80
ZN ZN T . 24.50 28.86 17.40
CA CA U . 22.23 21.48 2.47
#